data_7WSS
#
_entry.id   7WSS
#
_cell.length_a   182.939
_cell.length_b   75.120
_cell.length_c   135.148
_cell.angle_alpha   90.000
_cell.angle_beta   128.180
_cell.angle_gamma   90.000
#
_symmetry.space_group_name_H-M   'C 1 2 1'
#
loop_
_entity.id
_entity.type
_entity.pdbx_description
1 polymer 'Microbial collagenase'
2 non-polymer 'ZINC ION'
3 non-polymer 'CALCIUM ION'
4 non-polymer 'TRIETHYLENE GLYCOL'
5 non-polymer DI(HYDROXYETHYL)ETHER
6 non-polymer 1,2-ETHANEDIOL
7 non-polymer 'PENTAETHYLENE GLYCOL'
8 water water
#
_entity_poly.entity_id   1
_entity_poly.type   'polypeptide(L)'
_entity_poly.pdbx_seq_one_letter_code
;AVEQCDLSQFQTTSSNQLMAAIRQQGASCVNALFSADTGVQEAAFSSNHMYNVAQYTRTLAQQYAGGGSDELEALYLYLR
AGYYAEFYNSNITFLSWVTPAVKGAVDAFVQNAHFYDNGDAHGKVLNEVIITMDSAGLQHAYLDVVTQWLTRWNAQYAEH
WYMRNAVNGVFTLLFGGQWNNQYTSLIGEQTALVTALQAFALDRTKVNSPTEFMAANAARELGRLARYTDATIAPKVTEG
LTAIFGQYPSYGDGDAIWLGAADTASYYADCSQFNICGFEDALRDAALNQTFICSDTIKIRSQDMSQAQHLAACDKMAYE
ESFFHTTLETGNQPVADDHNTQLQVNIFNSDTDYGKYAGPIFGIDTNNGGMYLEGNPANVGNIPNFIAYEASYANPDHFV
WNLEHEYVHYLDGRFNMYGDFGTPTELVVWWSEGVAEYVSRVNDNPQAIATIQDGSTYTLAQVFDTTYDGFDVDRIYRWG
YLAVRFMFERHPDEVQRMLSATRQGRWAEYKAIISGWANQYQSEFAQWTEALAKGDSGAGNGEGTGSGNEGGGESGGNT
;
_entity_poly.pdbx_strand_id   A,B
#
loop_
_chem_comp.id
_chem_comp.type
_chem_comp.name
_chem_comp.formula
1PE non-polymer 'PENTAETHYLENE GLYCOL' 'C10 H22 O6'
CA non-polymer 'CALCIUM ION' 'Ca 2'
EDO non-polymer 1,2-ETHANEDIOL 'C2 H6 O2'
PEG non-polymer DI(HYDROXYETHYL)ETHER 'C4 H10 O3'
PGE non-polymer 'TRIETHYLENE GLYCOL' 'C6 H14 O4'
ZN non-polymer 'ZINC ION' 'Zn 2'
#
# COMPACT_ATOMS: atom_id res chain seq x y z
N GLU A 3 0.64 -6.24 -3.62
CA GLU A 3 -0.34 -7.15 -4.21
C GLU A 3 -1.41 -6.46 -5.06
N GLN A 4 -2.27 -5.68 -4.41
CA GLN A 4 -3.49 -5.18 -5.05
C GLN A 4 -3.27 -3.78 -5.60
N CYS A 5 -3.83 -3.55 -6.79
CA CYS A 5 -3.80 -2.21 -7.38
C CYS A 5 -4.89 -1.35 -6.76
N ASP A 6 -4.56 -0.09 -6.50
CA ASP A 6 -5.51 0.87 -5.92
C ASP A 6 -5.41 2.13 -6.78
N LEU A 7 -6.18 2.14 -7.87
CA LEU A 7 -6.12 3.22 -8.83
C LEU A 7 -6.50 4.56 -8.23
N SER A 8 -7.25 4.56 -7.13
CA SER A 8 -7.67 5.82 -6.53
C SER A 8 -6.47 6.57 -5.95
N GLN A 9 -5.44 5.86 -5.48
CA GLN A 9 -4.24 6.52 -4.97
C GLN A 9 -3.64 7.46 -6.00
N PHE A 10 -3.85 7.19 -7.30
CA PHE A 10 -3.30 8.05 -8.33
C PHE A 10 -4.13 9.30 -8.54
N GLN A 11 -5.39 9.30 -8.12
CA GLN A 11 -6.29 10.44 -8.31
C GLN A 11 -6.10 11.40 -7.15
N THR A 12 -5.05 12.23 -7.25
CA THR A 12 -4.62 13.04 -6.13
C THR A 12 -3.93 14.29 -6.65
N THR A 13 -3.84 15.28 -5.77
CA THR A 13 -3.13 16.51 -6.10
C THR A 13 -1.72 16.54 -5.53
N SER A 14 -1.37 15.59 -4.67
CA SER A 14 -0.05 15.53 -4.06
C SER A 14 0.88 14.72 -4.95
N SER A 15 2.00 15.33 -5.36
CA SER A 15 3.01 14.60 -6.12
C SER A 15 3.65 13.49 -5.29
N ASN A 16 3.84 13.74 -3.98
CA ASN A 16 4.43 12.70 -3.14
C ASN A 16 3.54 11.48 -3.07
N GLN A 17 2.25 11.68 -2.79
CA GLN A 17 1.33 10.55 -2.78
C GLN A 17 1.33 9.86 -4.14
N LEU A 18 1.39 10.63 -5.22
CA LEU A 18 1.42 10.07 -6.56
C LEU A 18 2.66 9.21 -6.76
N MET A 19 3.82 9.73 -6.36
CA MET A 19 5.06 8.97 -6.55
C MET A 19 5.13 7.77 -5.60
N ALA A 20 4.56 7.89 -4.40
CA ALA A 20 4.43 6.71 -3.55
C ALA A 20 3.57 5.65 -4.22
N ALA A 21 2.50 6.06 -4.92
CA ALA A 21 1.65 5.09 -5.59
C ALA A 21 2.39 4.42 -6.74
N ILE A 22 3.20 5.17 -7.48
CA ILE A 22 3.95 4.59 -8.59
C ILE A 22 4.92 3.53 -8.07
N ARG A 23 5.76 3.87 -7.09
CA ARG A 23 6.80 2.94 -6.66
C ARG A 23 6.23 1.78 -5.84
N GLN A 24 5.15 2.01 -5.10
CA GLN A 24 4.58 0.96 -4.26
C GLN A 24 3.59 0.07 -4.99
N GLN A 25 2.91 0.59 -6.00
CA GLN A 25 2.05 -0.29 -6.77
C GLN A 25 2.77 -0.89 -7.98
N GLY A 26 3.84 -0.27 -8.45
CA GLY A 26 4.67 -0.85 -9.49
C GLY A 26 4.08 -0.73 -10.89
N ALA A 27 4.89 -1.14 -11.86
CA ALA A 27 4.60 -0.90 -13.27
C ALA A 27 3.29 -1.56 -13.70
N SER A 28 2.97 -2.74 -13.16
CA SER A 28 1.78 -3.47 -13.61
C SER A 28 0.49 -2.78 -13.16
N CYS A 29 0.53 -2.02 -12.06
CA CYS A 29 -0.63 -1.23 -11.67
C CYS A 29 -0.70 0.10 -12.41
N VAL A 30 0.46 0.73 -12.65
CA VAL A 30 0.52 1.94 -13.45
C VAL A 30 -0.05 1.70 -14.84
N ASN A 31 -0.04 0.45 -15.30
CA ASN A 31 -0.63 0.11 -16.60
C ASN A 31 -2.09 0.51 -16.68
N ALA A 32 -2.81 0.46 -15.55
CA ALA A 32 -4.24 0.80 -15.54
C ALA A 32 -4.50 2.25 -15.95
N LEU A 33 -3.52 3.14 -15.82
CA LEU A 33 -3.74 4.55 -16.10
C LEU A 33 -4.04 4.80 -17.58
N PHE A 34 -3.59 3.91 -18.47
CA PHE A 34 -3.82 4.11 -19.90
C PHE A 34 -5.31 4.12 -20.23
N SER A 35 -6.09 3.27 -19.57
CA SER A 35 -7.51 3.07 -19.87
C SER A 35 -8.43 3.52 -18.74
N ALA A 36 -7.93 4.35 -17.82
CA ALA A 36 -8.73 4.81 -16.71
C ALA A 36 -9.68 5.93 -17.14
N ASP A 37 -10.61 6.26 -16.25
CA ASP A 37 -11.58 7.32 -16.50
C ASP A 37 -10.88 8.65 -16.70
N THR A 38 -11.55 9.56 -17.41
CA THR A 38 -11.01 10.89 -17.61
C THR A 38 -10.82 11.63 -16.28
N GLY A 39 -11.54 11.22 -15.24
CA GLY A 39 -11.30 11.79 -13.92
C GLY A 39 -9.92 11.42 -13.38
N VAL A 40 -9.59 10.13 -13.42
CA VAL A 40 -8.28 9.69 -12.94
C VAL A 40 -7.17 10.25 -13.81
N GLN A 41 -7.34 10.18 -15.13
CA GLN A 41 -6.31 10.67 -16.05
C GLN A 41 -6.00 12.14 -15.80
N GLU A 42 -7.04 12.97 -15.68
CA GLU A 42 -6.82 14.41 -15.50
C GLU A 42 -6.12 14.71 -14.18
N ALA A 43 -6.46 13.97 -13.12
CA ALA A 43 -5.80 14.19 -11.85
C ALA A 43 -4.35 13.71 -11.89
N ALA A 44 -4.12 12.52 -12.44
CA ALA A 44 -2.78 11.92 -12.37
C ALA A 44 -1.79 12.62 -13.29
N PHE A 45 -2.26 13.15 -14.42
CA PHE A 45 -1.39 13.67 -15.46
C PHE A 45 -1.49 15.19 -15.57
N SER A 46 -1.66 15.87 -14.44
CA SER A 46 -1.50 17.31 -14.47
C SER A 46 -0.08 17.64 -14.89
N SER A 47 0.11 18.84 -15.47
CA SER A 47 1.45 19.27 -15.86
C SER A 47 2.36 19.37 -14.64
N ASN A 48 1.81 19.69 -13.47
CA ASN A 48 2.63 19.73 -12.25
C ASN A 48 3.15 18.34 -11.90
N HIS A 49 2.28 17.33 -11.92
CA HIS A 49 2.69 15.96 -11.61
C HIS A 49 3.75 15.47 -12.58
N MET A 50 3.51 15.66 -13.88
CA MET A 50 4.48 15.22 -14.87
C MET A 50 5.85 15.85 -14.62
N TYR A 51 5.88 17.14 -14.26
CA TYR A 51 7.16 17.82 -14.06
C TYR A 51 7.84 17.33 -12.79
N ASN A 52 7.07 17.14 -11.72
CA ASN A 52 7.68 16.67 -10.47
C ASN A 52 8.10 15.21 -10.57
N VAL A 53 7.26 14.36 -11.16
CA VAL A 53 7.65 12.96 -11.39
C VAL A 53 8.87 12.92 -12.29
N ALA A 54 8.92 13.77 -13.31
CA ALA A 54 10.08 13.77 -14.19
C ALA A 54 11.36 14.19 -13.47
N GLN A 55 11.26 15.11 -12.50
CA GLN A 55 12.46 15.56 -11.80
C GLN A 55 12.99 14.47 -10.89
N TYR A 56 12.09 13.83 -10.14
CA TYR A 56 12.46 12.72 -9.27
C TYR A 56 12.99 11.55 -10.08
N THR A 57 12.39 11.29 -11.25
CA THR A 57 12.88 10.23 -12.13
C THR A 57 14.28 10.53 -12.62
N ARG A 58 14.56 11.81 -12.93
CA ARG A 58 15.89 12.21 -13.37
C ARG A 58 16.95 11.92 -12.30
N THR A 59 16.67 12.25 -11.04
CA THR A 59 17.73 12.07 -10.06
C THR A 59 17.86 10.60 -9.62
N LEU A 60 16.77 9.84 -9.58
CA LEU A 60 16.91 8.41 -9.32
C LEU A 60 17.67 7.72 -10.45
N ALA A 61 17.43 8.13 -11.71
CA ALA A 61 18.16 7.55 -12.84
C ALA A 61 19.64 7.89 -12.81
N GLN A 62 19.99 9.08 -12.31
CA GLN A 62 21.41 9.42 -12.16
C GLN A 62 22.12 8.46 -11.20
N GLN A 63 21.40 7.93 -10.20
CA GLN A 63 21.94 7.02 -9.19
C GLN A 63 21.86 5.55 -9.61
N TYR A 64 21.19 5.25 -10.71
CA TYR A 64 21.08 3.87 -11.17
C TYR A 64 22.45 3.21 -11.27
N ALA A 65 22.59 1.99 -10.71
CA ALA A 65 23.84 1.25 -10.76
C ALA A 65 23.65 -0.13 -11.39
N GLY A 66 22.77 -0.23 -12.36
CA GLY A 66 22.62 -1.47 -13.10
C GLY A 66 21.67 -2.44 -12.43
N GLY A 67 21.45 -3.56 -13.10
CA GLY A 67 20.71 -4.66 -12.51
C GLY A 67 19.21 -4.55 -12.57
N GLY A 68 18.68 -3.54 -13.27
CA GLY A 68 17.25 -3.33 -13.35
C GLY A 68 16.70 -2.48 -12.21
N SER A 69 15.48 -1.98 -12.41
CA SER A 69 14.84 -1.14 -11.40
C SER A 69 13.33 -1.14 -11.57
N ASP A 70 12.62 -1.77 -10.63
CA ASP A 70 11.17 -1.74 -10.68
C ASP A 70 10.64 -0.31 -10.60
N GLU A 71 11.31 0.55 -9.84
CA GLU A 71 10.79 1.89 -9.65
C GLU A 71 10.95 2.72 -10.92
N LEU A 72 12.16 2.73 -11.50
CA LEU A 72 12.35 3.44 -12.76
C LEU A 72 11.40 2.92 -13.83
N GLU A 73 11.27 1.59 -13.94
CA GLU A 73 10.31 1.01 -14.87
C GLU A 73 8.94 1.62 -14.69
N ALA A 74 8.46 1.69 -13.45
CA ALA A 74 7.14 2.25 -13.18
C ALA A 74 7.10 3.75 -13.46
N LEU A 75 8.20 4.47 -13.17
CA LEU A 75 8.21 5.90 -13.37
C LEU A 75 8.18 6.26 -14.85
N TYR A 76 9.07 5.68 -15.66
CA TYR A 76 9.04 5.99 -17.08
C TYR A 76 7.75 5.48 -17.73
N LEU A 77 7.23 4.34 -17.26
CA LEU A 77 5.93 3.89 -17.74
C LEU A 77 4.87 4.95 -17.46
N TYR A 78 4.88 5.50 -16.23
CA TYR A 78 3.95 6.58 -15.90
C TYR A 78 4.10 7.73 -16.89
N LEU A 79 5.33 8.21 -17.09
CA LEU A 79 5.56 9.37 -17.95
C LEU A 79 5.05 9.11 -19.35
N ARG A 80 5.31 7.93 -19.91
CA ARG A 80 4.85 7.71 -21.27
C ARG A 80 3.34 7.49 -21.29
N ALA A 81 2.76 6.97 -20.20
CA ALA A 81 1.30 6.90 -20.11
C ALA A 81 0.68 8.29 -20.13
N GLY A 82 1.35 9.28 -19.54
CA GLY A 82 0.81 10.64 -19.59
C GLY A 82 0.67 11.16 -21.00
N TYR A 83 1.72 11.00 -21.81
CA TYR A 83 1.67 11.44 -23.20
C TYR A 83 0.62 10.67 -23.99
N TYR A 84 0.45 9.38 -23.67
CA TYR A 84 -0.65 8.62 -24.23
C TYR A 84 -1.98 9.27 -23.87
N ALA A 85 -2.20 9.56 -22.59
CA ALA A 85 -3.42 10.22 -22.18
C ALA A 85 -3.54 11.61 -22.79
N GLU A 86 -2.42 12.33 -22.92
CA GLU A 86 -2.49 13.66 -23.53
C GLU A 86 -2.96 13.56 -24.98
N PHE A 87 -2.60 12.49 -25.67
CA PHE A 87 -3.03 12.35 -27.06
C PHE A 87 -4.52 12.07 -27.16
N TYR A 88 -5.02 11.11 -26.37
CA TYR A 88 -6.41 10.64 -26.47
C TYR A 88 -7.40 11.44 -25.63
N ASN A 89 -6.94 12.18 -24.63
CA ASN A 89 -7.85 12.90 -23.73
C ASN A 89 -7.80 14.38 -24.08
N SER A 90 -8.94 14.91 -24.52
CA SER A 90 -9.01 16.31 -24.90
C SER A 90 -8.83 17.23 -23.69
N ASN A 91 -9.33 16.82 -22.52
CA ASN A 91 -9.19 17.60 -21.29
C ASN A 91 -7.76 17.68 -20.79
N ILE A 92 -6.79 17.11 -21.51
CA ILE A 92 -5.41 17.02 -21.04
C ILE A 92 -4.51 17.64 -22.10
N THR A 93 -3.82 18.72 -21.73
CA THR A 93 -2.82 19.34 -22.59
C THR A 93 -1.66 19.75 -21.71
N PHE A 94 -0.45 19.28 -22.04
CA PHE A 94 0.71 19.55 -21.20
C PHE A 94 1.24 20.95 -21.48
N LEU A 95 1.56 21.67 -20.42
CA LEU A 95 2.16 22.99 -20.59
C LEU A 95 3.57 22.84 -21.14
N SER A 96 4.09 23.95 -21.67
CA SER A 96 5.33 23.90 -22.43
C SER A 96 6.53 23.41 -21.62
N TRP A 97 6.50 23.55 -20.30
CA TRP A 97 7.68 23.21 -19.51
C TRP A 97 7.71 21.75 -19.06
N VAL A 98 6.76 20.94 -19.50
CA VAL A 98 6.75 19.52 -19.12
C VAL A 98 7.81 18.76 -19.91
N THR A 99 7.73 18.80 -21.23
CA THR A 99 8.59 17.95 -22.04
C THR A 99 10.07 18.21 -21.85
N PRO A 100 10.56 19.44 -21.65
CA PRO A 100 11.98 19.58 -21.27
C PRO A 100 12.35 18.82 -19.99
N ALA A 101 11.44 18.71 -19.01
CA ALA A 101 11.74 17.95 -17.81
C ALA A 101 11.74 16.44 -18.11
N VAL A 102 10.76 15.98 -18.89
CA VAL A 102 10.76 14.58 -19.31
C VAL A 102 12.03 14.27 -20.09
N LYS A 103 12.46 15.17 -20.95
CA LYS A 103 13.72 14.93 -21.65
C LYS A 103 14.88 14.93 -20.67
N GLY A 104 14.77 15.66 -19.56
CA GLY A 104 15.78 15.58 -18.51
C GLY A 104 15.83 14.20 -17.85
N ALA A 105 14.66 13.57 -17.67
CA ALA A 105 14.59 12.25 -17.05
C ALA A 105 15.11 11.17 -17.98
N VAL A 106 14.82 11.28 -19.28
CA VAL A 106 15.30 10.30 -20.24
C VAL A 106 16.80 10.42 -20.43
N ASP A 107 17.32 11.65 -20.57
CA ASP A 107 18.76 11.88 -20.72
C ASP A 107 19.53 11.30 -19.54
N ALA A 108 18.98 11.41 -18.34
CA ALA A 108 19.68 10.92 -17.16
C ALA A 108 19.92 9.42 -17.26
N PHE A 109 18.95 8.69 -17.79
CA PHE A 109 19.15 7.26 -18.02
C PHE A 109 20.12 7.03 -19.17
N VAL A 110 19.99 7.82 -20.24
CA VAL A 110 20.84 7.65 -21.42
C VAL A 110 22.30 7.88 -21.08
N GLN A 111 22.57 8.90 -20.25
CA GLN A 111 23.93 9.28 -19.88
C GLN A 111 24.50 8.45 -18.72
N ASN A 112 23.67 7.67 -18.04
CA ASN A 112 24.15 6.79 -17.00
C ASN A 112 25.08 5.73 -17.57
N ALA A 113 26.19 5.48 -16.88
CA ALA A 113 27.19 4.51 -17.32
C ALA A 113 26.61 3.14 -17.63
N HIS A 114 25.41 2.82 -17.12
CA HIS A 114 24.83 1.50 -17.31
C HIS A 114 23.82 1.43 -18.45
N PHE A 115 23.69 2.51 -19.23
CA PHE A 115 22.62 2.57 -20.23
C PHE A 115 22.69 1.40 -21.20
N TYR A 116 23.90 1.05 -21.64
CA TYR A 116 24.11 -0.02 -22.59
C TYR A 116 24.40 -1.37 -21.93
N ASP A 117 24.01 -1.54 -20.66
CA ASP A 117 24.17 -2.83 -20.02
C ASP A 117 23.31 -3.88 -20.72
N ASN A 118 23.78 -5.11 -20.69
CA ASN A 118 23.00 -6.25 -21.10
C ASN A 118 22.22 -6.79 -19.89
N GLY A 119 21.12 -7.45 -20.16
CA GLY A 119 20.37 -8.13 -19.10
C GLY A 119 18.87 -7.93 -19.16
N ASP A 120 18.13 -8.91 -18.61
CA ASP A 120 16.67 -8.89 -18.70
C ASP A 120 16.04 -7.82 -17.80
N ALA A 121 16.53 -7.68 -16.56
CA ALA A 121 15.97 -6.66 -15.68
C ALA A 121 16.26 -5.26 -16.21
N HIS A 122 17.50 -5.02 -16.62
CA HIS A 122 17.83 -3.77 -17.29
C HIS A 122 16.97 -3.57 -18.53
N GLY A 123 16.79 -4.62 -19.32
CA GLY A 123 15.96 -4.49 -20.50
C GLY A 123 14.57 -3.96 -20.19
N LYS A 124 14.01 -4.34 -19.02
CA LYS A 124 12.66 -3.89 -18.67
C LYS A 124 12.58 -2.37 -18.54
N VAL A 125 13.52 -1.75 -17.84
N VAL A 125 13.51 -1.76 -17.81
CA VAL A 125 13.48 -0.29 -17.70
CA VAL A 125 13.55 -0.30 -17.69
C VAL A 125 13.94 0.37 -19.00
C VAL A 125 13.89 0.32 -19.03
N LEU A 126 14.90 -0.22 -19.70
CA LEU A 126 15.34 0.33 -20.98
C LEU A 126 14.18 0.39 -21.95
N ASN A 127 13.34 -0.63 -21.95
CA ASN A 127 12.18 -0.67 -22.82
C ASN A 127 11.31 0.56 -22.60
N GLU A 128 10.99 0.87 -21.34
CA GLU A 128 10.15 2.03 -21.06
C GLU A 128 10.84 3.33 -21.43
N VAL A 129 12.18 3.41 -21.28
CA VAL A 129 12.87 4.64 -21.65
C VAL A 129 12.78 4.88 -23.15
N ILE A 130 13.07 3.84 -23.95
CA ILE A 130 13.08 3.99 -25.39
C ILE A 130 11.69 4.33 -25.91
N ILE A 131 10.65 3.67 -25.39
CA ILE A 131 9.28 4.02 -25.79
C ILE A 131 9.00 5.48 -25.46
N THR A 132 9.42 5.93 -24.27
CA THR A 132 9.17 7.32 -23.89
C THR A 132 9.83 8.30 -24.86
N MET A 133 11.01 7.96 -25.39
CA MET A 133 11.63 8.80 -26.41
C MET A 133 10.67 9.04 -27.55
N ASP A 134 9.87 8.02 -27.91
CA ASP A 134 8.88 8.16 -28.97
C ASP A 134 7.62 8.85 -28.47
N SER A 135 7.06 8.35 -27.36
CA SER A 135 5.82 8.91 -26.84
C SER A 135 5.95 10.40 -26.53
N ALA A 136 7.16 10.86 -26.19
CA ALA A 136 7.35 12.26 -25.84
C ALA A 136 7.76 13.14 -27.02
N GLY A 137 7.73 12.61 -28.24
CA GLY A 137 8.15 13.39 -29.39
C GLY A 137 9.58 13.86 -29.34
N LEU A 138 10.49 13.02 -28.85
CA LEU A 138 11.90 13.38 -28.72
C LEU A 138 12.77 12.65 -29.73
N GLN A 139 12.17 12.13 -30.81
CA GLN A 139 12.90 11.29 -31.75
C GLN A 139 14.09 12.03 -32.35
N HIS A 140 14.04 13.37 -32.39
CA HIS A 140 15.12 14.17 -32.93
C HIS A 140 16.32 14.23 -31.99
N ALA A 141 16.11 13.96 -30.70
CA ALA A 141 17.16 14.11 -29.70
C ALA A 141 18.05 12.88 -29.53
N TYR A 142 17.70 11.71 -30.10
CA TYR A 142 18.45 10.51 -29.73
C TYR A 142 18.95 9.70 -30.92
N LEU A 143 19.23 10.35 -32.04
CA LEU A 143 19.74 9.60 -33.19
C LEU A 143 21.05 8.93 -32.85
N ASP A 144 21.87 9.54 -32.00
N ASP A 144 21.88 9.62 -32.06
CA ASP A 144 23.13 8.90 -31.64
CA ASP A 144 23.10 9.06 -31.49
C ASP A 144 22.90 7.70 -30.73
C ASP A 144 22.83 7.73 -30.81
N VAL A 145 21.83 7.71 -29.93
CA VAL A 145 21.50 6.52 -29.15
C VAL A 145 21.12 5.38 -30.09
N VAL A 146 20.30 5.67 -31.10
CA VAL A 146 19.91 4.65 -32.08
C VAL A 146 21.15 4.07 -32.76
N THR A 147 22.09 4.94 -33.15
CA THR A 147 23.28 4.46 -33.82
C THR A 147 24.12 3.58 -32.89
N GLN A 148 24.17 3.93 -31.60
CA GLN A 148 24.93 3.15 -30.64
C GLN A 148 24.35 1.76 -30.50
N TRP A 149 23.03 1.69 -30.26
CA TRP A 149 22.39 0.39 -30.06
C TRP A 149 22.51 -0.49 -31.30
N LEU A 150 22.36 0.09 -32.49
CA LEU A 150 22.50 -0.68 -33.72
C LEU A 150 23.92 -1.19 -33.89
N THR A 151 24.89 -0.42 -33.43
CA THR A 151 26.28 -0.81 -33.54
C THR A 151 26.66 -1.86 -32.48
N ARG A 152 26.13 -1.73 -31.26
CA ARG A 152 26.56 -2.57 -30.15
C ARG A 152 25.84 -3.92 -30.12
N TRP A 153 24.65 -3.99 -30.73
CA TRP A 153 23.86 -5.21 -30.68
C TRP A 153 24.71 -6.41 -31.08
N ASN A 154 24.52 -7.51 -30.36
CA ASN A 154 25.24 -8.73 -30.66
C ASN A 154 24.45 -9.92 -30.13
N ALA A 155 24.99 -11.11 -30.35
CA ALA A 155 24.32 -12.33 -29.94
C ALA A 155 24.07 -12.38 -28.44
N GLN A 156 24.91 -11.69 -27.64
CA GLN A 156 24.75 -11.74 -26.20
C GLN A 156 23.57 -10.90 -25.73
N TYR A 157 23.40 -9.69 -26.29
CA TYR A 157 22.16 -8.95 -26.05
C TYR A 157 20.95 -9.73 -26.56
N ALA A 158 21.08 -10.38 -27.73
CA ALA A 158 19.98 -11.11 -28.33
C ALA A 158 19.43 -12.23 -27.45
N GLU A 159 20.20 -12.71 -26.46
CA GLU A 159 19.68 -13.81 -25.64
C GLU A 159 18.51 -13.38 -24.76
N HIS A 160 18.36 -12.09 -24.47
CA HIS A 160 17.34 -11.64 -23.54
C HIS A 160 16.13 -11.07 -24.29
N TRP A 161 14.96 -11.64 -24.00
CA TRP A 161 13.72 -11.18 -24.61
C TRP A 161 13.53 -9.69 -24.40
N TYR A 162 13.75 -9.22 -23.17
CA TYR A 162 13.46 -7.83 -22.87
C TYR A 162 14.45 -6.90 -23.55
N MET A 163 15.68 -7.38 -23.82
CA MET A 163 16.62 -6.56 -24.58
C MET A 163 16.19 -6.44 -26.03
N ARG A 164 15.80 -7.56 -26.66
CA ARG A 164 15.25 -7.50 -28.01
C ARG A 164 14.06 -6.55 -28.07
N ASN A 165 13.14 -6.72 -27.13
CA ASN A 165 11.93 -5.90 -27.13
C ASN A 165 12.26 -4.43 -26.98
N ALA A 166 13.19 -4.12 -26.07
CA ALA A 166 13.57 -2.73 -25.83
C ALA A 166 14.26 -2.13 -27.05
N VAL A 167 15.31 -2.78 -27.54
CA VAL A 167 16.09 -2.22 -28.63
C VAL A 167 15.28 -2.16 -29.93
N ASN A 168 14.31 -3.06 -30.12
CA ASN A 168 13.41 -2.94 -31.26
C ASN A 168 12.69 -1.59 -31.28
N GLY A 169 12.60 -0.92 -30.13
CA GLY A 169 11.95 0.37 -30.03
C GLY A 169 12.66 1.51 -30.73
N VAL A 170 13.93 1.32 -31.12
CA VAL A 170 14.59 2.37 -31.89
C VAL A 170 13.90 2.53 -33.23
N PHE A 171 13.44 1.41 -33.82
CA PHE A 171 12.82 1.47 -35.13
C PHE A 171 11.48 2.15 -35.06
N THR A 172 10.73 1.93 -33.97
CA THR A 172 9.50 2.68 -33.77
C THR A 172 9.83 4.16 -33.63
N LEU A 173 11.00 4.48 -33.08
CA LEU A 173 11.42 5.87 -32.95
C LEU A 173 11.71 6.50 -34.31
N LEU A 174 12.40 5.76 -35.19
CA LEU A 174 12.65 6.29 -36.54
C LEU A 174 11.34 6.47 -37.30
N PHE A 175 10.41 5.52 -37.14
CA PHE A 175 9.09 5.64 -37.71
C PHE A 175 8.36 6.87 -37.19
N GLY A 176 8.38 7.07 -35.86
CA GLY A 176 7.66 8.19 -35.27
C GLY A 176 8.23 9.55 -35.63
N GLY A 177 9.52 9.60 -35.96
CA GLY A 177 10.15 10.86 -36.33
C GLY A 177 9.55 11.51 -37.57
N GLN A 178 8.82 10.75 -38.39
CA GLN A 178 8.25 11.30 -39.61
C GLN A 178 7.33 12.47 -39.33
N TRP A 179 6.69 12.48 -38.16
CA TRP A 179 5.82 13.56 -37.73
C TRP A 179 6.49 14.50 -36.73
N ASN A 180 7.82 14.55 -36.75
CA ASN A 180 8.62 15.38 -35.85
C ASN A 180 9.47 16.29 -36.74
N ASN A 181 9.13 17.59 -36.74
CA ASN A 181 9.75 18.52 -37.67
C ASN A 181 11.22 18.73 -37.38
N GLN A 182 11.61 18.68 -36.10
CA GLN A 182 13.03 18.64 -35.79
C GLN A 182 13.70 17.42 -36.40
N TYR A 183 13.04 16.26 -36.31
CA TYR A 183 13.65 15.03 -36.82
C TYR A 183 13.82 15.09 -38.33
N THR A 184 12.76 15.39 -39.07
CA THR A 184 12.90 15.46 -40.52
C THR A 184 13.86 16.55 -40.96
N SER A 185 14.06 17.59 -40.15
CA SER A 185 15.08 18.58 -40.46
C SER A 185 16.49 18.06 -40.26
N LEU A 186 16.67 17.02 -39.42
CA LEU A 186 17.95 16.47 -39.01
C LEU A 186 18.34 15.19 -39.72
N ILE A 187 17.36 14.36 -40.10
CA ILE A 187 17.60 12.97 -40.48
C ILE A 187 18.48 12.86 -41.72
N GLY A 188 18.48 13.88 -42.58
CA GLY A 188 19.22 13.84 -43.83
C GLY A 188 20.74 13.90 -43.69
N GLU A 189 21.26 14.22 -42.51
CA GLU A 189 22.69 14.33 -42.27
C GLU A 189 23.26 13.14 -41.51
N GLN A 190 22.41 12.19 -41.14
CA GLN A 190 22.80 11.10 -40.24
C GLN A 190 23.40 9.94 -41.03
N THR A 191 24.62 10.17 -41.55
CA THR A 191 25.30 9.14 -42.32
C THR A 191 25.71 7.96 -41.43
N ALA A 192 26.14 8.23 -40.19
CA ALA A 192 26.55 7.14 -39.31
C ALA A 192 25.36 6.24 -38.98
N LEU A 193 24.19 6.84 -38.72
CA LEU A 193 22.99 6.04 -38.46
C LEU A 193 22.62 5.20 -39.67
N VAL A 194 22.70 5.77 -40.88
CA VAL A 194 22.37 5.00 -42.07
C VAL A 194 23.33 3.84 -42.23
N THR A 195 24.62 4.09 -42.02
CA THR A 195 25.62 3.03 -42.08
C THR A 195 25.32 1.93 -41.07
N ALA A 196 24.91 2.30 -39.85
CA ALA A 196 24.63 1.29 -38.83
C ALA A 196 23.36 0.52 -39.15
N LEU A 197 22.35 1.19 -39.72
CA LEU A 197 21.14 0.49 -40.16
C LEU A 197 21.46 -0.53 -41.25
N GLN A 198 22.23 -0.12 -42.26
CA GLN A 198 22.64 -1.06 -43.31
CA GLN A 198 22.65 -1.06 -43.31
C GLN A 198 23.30 -2.30 -42.72
N ALA A 199 24.29 -2.10 -41.85
CA ALA A 199 25.03 -3.21 -41.30
C ALA A 199 24.13 -4.09 -40.44
N PHE A 200 23.24 -3.48 -39.66
CA PHE A 200 22.35 -4.26 -38.82
C PHE A 200 21.49 -5.21 -39.65
N ALA A 201 20.84 -4.67 -40.69
CA ALA A 201 19.98 -5.48 -41.54
C ALA A 201 20.77 -6.50 -42.35
N LEU A 202 22.03 -6.20 -42.68
CA LEU A 202 22.81 -7.10 -43.53
C LEU A 202 23.52 -8.20 -42.74
N ASP A 203 23.30 -8.28 -41.43
CA ASP A 203 23.94 -9.28 -40.58
C ASP A 203 23.24 -10.62 -40.82
N ARG A 204 23.88 -11.49 -41.61
CA ARG A 204 23.21 -12.71 -42.02
C ARG A 204 22.95 -13.66 -40.85
N THR A 205 23.71 -13.54 -39.75
CA THR A 205 23.49 -14.42 -38.60
C THR A 205 22.13 -14.20 -37.93
N LYS A 206 21.43 -13.10 -38.24
CA LYS A 206 20.09 -12.92 -37.67
C LYS A 206 19.03 -13.73 -38.41
N VAL A 207 19.30 -14.16 -39.64
CA VAL A 207 18.30 -14.92 -40.40
C VAL A 207 17.97 -16.21 -39.66
N ASN A 208 16.67 -16.53 -39.58
CA ASN A 208 16.16 -17.73 -38.92
C ASN A 208 16.49 -17.77 -37.44
N SER A 209 16.66 -16.61 -36.82
CA SER A 209 16.97 -16.46 -35.42
C SER A 209 15.83 -15.72 -34.71
N PRO A 210 15.82 -15.64 -33.37
CA PRO A 210 14.78 -14.85 -32.70
C PRO A 210 14.88 -13.35 -32.95
N THR A 211 15.96 -12.88 -33.58
CA THR A 211 16.11 -11.46 -33.89
C THR A 211 15.93 -11.13 -35.36
N GLU A 212 15.54 -12.10 -36.19
CA GLU A 212 15.36 -11.77 -37.60
C GLU A 212 14.38 -10.62 -37.78
N PHE A 213 13.36 -10.55 -36.91
CA PHE A 213 12.34 -9.53 -37.03
C PHE A 213 12.92 -8.12 -36.81
N MET A 214 13.98 -8.01 -35.99
CA MET A 214 14.65 -6.72 -35.84
C MET A 214 15.37 -6.33 -37.11
N ALA A 215 16.05 -7.29 -37.74
CA ALA A 215 16.69 -7.03 -39.01
C ALA A 215 15.67 -6.57 -40.05
N ALA A 216 14.49 -7.19 -40.07
CA ALA A 216 13.45 -6.78 -41.00
C ALA A 216 12.97 -5.37 -40.71
N ASN A 217 12.84 -5.01 -39.44
CA ASN A 217 12.46 -3.63 -39.10
C ASN A 217 13.51 -2.63 -39.53
N ALA A 218 14.78 -2.96 -39.28
CA ALA A 218 15.86 -2.11 -39.76
C ALA A 218 15.77 -1.93 -41.28
N ALA A 219 15.48 -3.01 -42.00
CA ALA A 219 15.32 -2.91 -43.44
C ALA A 219 14.17 -1.98 -43.80
N ARG A 220 13.05 -2.09 -43.08
CA ARG A 220 11.91 -1.23 -43.35
C ARG A 220 12.26 0.23 -43.12
N GLU A 221 12.79 0.55 -41.94
CA GLU A 221 13.12 1.94 -41.62
C GLU A 221 14.13 2.50 -42.60
N LEU A 222 15.10 1.68 -43.03
CA LEU A 222 16.03 2.13 -44.06
C LEU A 222 15.30 2.52 -45.34
N GLY A 223 14.32 1.71 -45.76
CA GLY A 223 13.62 2.01 -46.98
C GLY A 223 12.83 3.30 -46.90
N ARG A 224 12.34 3.61 -45.71
CA ARG A 224 11.67 4.90 -45.50
C ARG A 224 12.61 6.06 -45.76
N LEU A 225 13.91 5.90 -45.47
CA LEU A 225 14.84 7.00 -45.66
C LEU A 225 15.13 7.28 -47.14
N ALA A 226 14.68 6.41 -48.05
CA ALA A 226 14.81 6.73 -49.47
C ALA A 226 13.98 7.96 -49.85
N ARG A 227 13.04 8.37 -48.98
CA ARG A 227 12.27 9.56 -49.29
CA ARG A 227 12.25 9.58 -49.20
C ARG A 227 13.13 10.84 -49.23
N TYR A 228 14.30 10.79 -48.59
CA TYR A 228 15.19 11.96 -48.57
C TYR A 228 16.14 11.88 -49.77
N THR A 229 15.59 12.19 -50.95
CA THR A 229 16.27 11.91 -52.21
C THR A 229 17.49 12.81 -52.43
N ASP A 230 17.50 13.97 -51.79
CA ASP A 230 18.50 15.01 -51.97
C ASP A 230 19.54 15.06 -50.85
N ALA A 231 19.34 14.29 -49.78
CA ALA A 231 20.07 14.52 -48.56
C ALA A 231 21.49 13.95 -48.63
N THR A 232 22.32 14.41 -47.68
CA THR A 232 23.66 13.84 -47.52
C THR A 232 23.62 12.31 -47.42
N ILE A 233 22.60 11.78 -46.74
CA ILE A 233 22.51 10.33 -46.55
C ILE A 233 22.10 9.56 -47.79
N ALA A 234 21.64 10.25 -48.84
CA ALA A 234 20.98 9.54 -49.95
C ALA A 234 21.86 8.50 -50.64
N PRO A 235 23.15 8.73 -50.92
CA PRO A 235 23.93 7.67 -51.54
C PRO A 235 24.10 6.45 -50.65
N LYS A 236 24.25 6.66 -49.34
CA LYS A 236 24.41 5.52 -48.45
C LYS A 236 23.09 4.80 -48.21
N VAL A 237 21.97 5.53 -48.17
CA VAL A 237 20.68 4.85 -48.10
C VAL A 237 20.53 3.95 -49.32
N THR A 238 20.73 4.51 -50.51
CA THR A 238 20.64 3.75 -51.75
C THR A 238 21.62 2.59 -51.74
N GLU A 239 22.85 2.82 -51.27
CA GLU A 239 23.84 1.77 -51.19
C GLU A 239 23.38 0.66 -50.25
N GLY A 240 22.75 1.03 -49.13
CA GLY A 240 22.27 0.01 -48.21
C GLY A 240 21.13 -0.81 -48.78
N LEU A 241 20.14 -0.13 -49.40
CA LEU A 241 19.01 -0.83 -49.97
C LEU A 241 19.48 -1.80 -51.07
N THR A 242 20.34 -1.31 -51.96
CA THR A 242 20.88 -2.17 -53.01
C THR A 242 21.55 -3.41 -52.42
N ALA A 243 22.29 -3.25 -51.33
CA ALA A 243 22.98 -4.38 -50.71
C ALA A 243 22.00 -5.40 -50.16
N ILE A 244 20.91 -4.94 -49.53
CA ILE A 244 19.89 -5.84 -49.01
C ILE A 244 19.20 -6.60 -50.14
N PHE A 245 18.76 -5.90 -51.18
CA PHE A 245 18.05 -6.56 -52.27
C PHE A 245 18.92 -7.59 -52.97
N GLY A 246 20.23 -7.37 -53.05
CA GLY A 246 21.13 -8.29 -53.71
C GLY A 246 21.63 -9.41 -52.83
N GLN A 247 21.54 -9.21 -51.52
CA GLN A 247 22.07 -10.22 -50.61
C GLN A 247 21.01 -11.21 -50.16
N TYR A 248 19.77 -10.77 -50.00
CA TYR A 248 18.69 -11.63 -49.55
C TYR A 248 17.75 -11.99 -50.70
N PRO A 249 17.08 -13.14 -50.62
CA PRO A 249 16.10 -13.50 -51.66
C PRO A 249 14.75 -12.87 -51.41
N SER A 250 13.98 -12.70 -52.49
CA SER A 250 12.60 -12.27 -52.33
C SER A 250 11.71 -13.40 -51.81
N TYR A 251 12.12 -14.65 -52.02
CA TYR A 251 11.45 -15.78 -51.40
C TYR A 251 12.51 -16.73 -50.86
N GLY A 252 12.48 -16.98 -49.57
CA GLY A 252 13.40 -17.90 -48.94
C GLY A 252 13.88 -17.35 -47.62
N ASP A 253 15.02 -17.86 -47.16
CA ASP A 253 15.54 -17.48 -45.85
C ASP A 253 15.94 -16.03 -45.84
N GLY A 254 15.35 -15.26 -44.92
CA GLY A 254 15.60 -13.85 -44.85
C GLY A 254 14.74 -13.00 -45.75
N ASP A 255 13.76 -13.58 -46.46
CA ASP A 255 12.95 -12.76 -47.35
C ASP A 255 12.14 -11.70 -46.58
N ALA A 256 11.92 -11.88 -45.27
CA ALA A 256 11.29 -10.83 -44.49
C ALA A 256 12.11 -9.55 -44.50
N ILE A 257 13.44 -9.68 -44.60
CA ILE A 257 14.29 -8.50 -44.67
C ILE A 257 14.17 -7.86 -46.05
N TRP A 258 14.32 -8.68 -47.09
CA TRP A 258 14.09 -8.24 -48.47
C TRP A 258 12.74 -7.55 -48.60
N LEU A 259 11.68 -8.23 -48.16
CA LEU A 259 10.35 -7.67 -48.37
C LEU A 259 10.11 -6.45 -47.48
N GLY A 260 10.68 -6.43 -46.27
CA GLY A 260 10.57 -5.23 -45.45
C GLY A 260 11.13 -4.00 -46.14
N ALA A 261 12.32 -4.13 -46.73
CA ALA A 261 12.92 -3.05 -47.50
C ALA A 261 12.05 -2.69 -48.70
N ALA A 262 11.61 -3.69 -49.46
CA ALA A 262 10.82 -3.42 -50.66
C ALA A 262 9.55 -2.65 -50.34
N ASP A 263 8.89 -2.98 -49.22
CA ASP A 263 7.61 -2.36 -48.90
C ASP A 263 7.74 -0.83 -48.79
N THR A 264 8.69 -0.35 -47.98
CA THR A 264 8.83 1.10 -47.79
C THR A 264 9.61 1.75 -48.91
N ALA A 265 10.66 1.11 -49.41
CA ALA A 265 11.42 1.74 -50.48
C ALA A 265 10.55 2.00 -51.71
N SER A 266 9.61 1.10 -52.00
CA SER A 266 8.72 1.30 -53.15
CA SER A 266 8.72 1.30 -53.15
C SER A 266 7.74 2.42 -52.89
N TYR A 267 7.35 2.63 -51.64
CA TYR A 267 6.40 3.70 -51.33
C TYR A 267 7.04 5.08 -51.51
N TYR A 268 8.33 5.22 -51.20
CA TYR A 268 8.97 6.53 -51.22
C TYR A 268 9.90 6.72 -52.42
N ALA A 269 10.11 5.70 -53.24
CA ALA A 269 10.88 5.80 -54.47
C ALA A 269 10.31 4.79 -55.46
N ASP A 270 10.95 4.64 -56.62
CA ASP A 270 10.46 3.72 -57.64
C ASP A 270 11.28 2.44 -57.66
N CYS A 271 10.60 1.31 -57.91
CA CYS A 271 11.25 0.00 -57.90
C CYS A 271 12.38 -0.10 -58.93
N SER A 272 12.40 0.77 -59.95
CA SER A 272 13.40 0.67 -61.01
C SER A 272 14.79 1.10 -60.55
N GLN A 273 14.86 1.95 -59.53
CA GLN A 273 16.16 2.33 -58.95
C GLN A 273 16.96 1.12 -58.52
N PHE A 274 16.27 0.09 -58.01
CA PHE A 274 16.91 -1.09 -57.44
C PHE A 274 16.64 -2.34 -58.27
N ASN A 275 16.02 -2.17 -59.43
CA ASN A 275 15.80 -3.26 -60.40
C ASN A 275 14.94 -4.38 -59.80
N ILE A 276 13.94 -4.00 -59.02
CA ILE A 276 13.04 -4.97 -58.40
C ILE A 276 11.61 -4.82 -58.90
N CYS A 277 11.40 -4.19 -60.06
CA CYS A 277 10.04 -4.06 -60.57
C CYS A 277 9.50 -5.42 -61.01
N GLY A 278 8.26 -5.70 -60.63
CA GLY A 278 7.63 -6.97 -60.97
C GLY A 278 8.18 -8.20 -60.28
N PHE A 279 8.73 -8.05 -59.07
CA PHE A 279 9.13 -9.24 -58.31
C PHE A 279 7.93 -10.08 -57.90
N GLU A 280 6.74 -9.47 -57.84
CA GLU A 280 5.56 -10.12 -57.27
C GLU A 280 5.15 -11.37 -58.05
N ASP A 281 5.41 -11.39 -59.35
CA ASP A 281 5.01 -12.53 -60.18
C ASP A 281 5.85 -13.76 -59.86
N ALA A 282 7.17 -13.62 -59.88
CA ALA A 282 8.02 -14.72 -59.48
C ALA A 282 7.79 -15.12 -58.02
N LEU A 283 7.47 -14.15 -57.18
CA LEU A 283 7.13 -14.45 -55.80
C LEU A 283 5.87 -15.32 -55.72
N ARG A 284 4.84 -14.98 -56.50
N ARG A 284 4.84 -14.99 -56.50
CA ARG A 284 3.60 -15.76 -56.52
CA ARG A 284 3.61 -15.77 -56.49
C ARG A 284 3.86 -17.20 -56.91
C ARG A 284 3.85 -17.21 -56.92
N ASP A 285 4.74 -17.42 -57.89
CA ASP A 285 5.01 -18.77 -58.35
C ASP A 285 5.83 -19.54 -57.31
N ALA A 286 6.78 -18.88 -56.65
CA ALA A 286 7.60 -19.56 -55.65
C ALA A 286 6.79 -19.82 -54.38
N ALA A 287 6.06 -18.81 -53.90
CA ALA A 287 5.34 -18.94 -52.64
C ALA A 287 4.10 -19.80 -52.77
N LEU A 288 3.39 -19.72 -53.89
CA LEU A 288 2.19 -20.56 -54.07
C LEU A 288 2.50 -21.62 -55.14
N ASN A 289 3.39 -22.55 -54.77
CA ASN A 289 3.99 -23.46 -55.74
C ASN A 289 3.23 -24.77 -55.90
N GLN A 290 2.23 -25.02 -55.08
CA GLN A 290 1.40 -26.21 -55.24
C GLN A 290 0.18 -25.86 -56.06
N THR A 291 -0.33 -26.85 -56.80
CA THR A 291 -1.54 -26.67 -57.58
C THR A 291 -2.45 -27.86 -57.38
N PHE A 292 -3.69 -27.61 -56.98
CA PHE A 292 -4.66 -28.70 -56.83
C PHE A 292 -5.97 -28.29 -57.48
N ILE A 293 -6.40 -29.05 -58.48
CA ILE A 293 -7.62 -28.75 -59.23
C ILE A 293 -8.75 -29.51 -58.54
N CYS A 294 -9.57 -28.77 -57.78
CA CYS A 294 -10.74 -29.39 -57.14
C CYS A 294 -11.73 -29.90 -58.16
N SER A 295 -12.00 -29.11 -59.17
CA SER A 295 -13.06 -29.30 -60.13
C SER A 295 -12.77 -28.31 -61.23
N ASP A 296 -13.61 -28.30 -62.26
CA ASP A 296 -13.42 -27.31 -63.31
C ASP A 296 -13.90 -25.91 -62.90
N THR A 297 -14.44 -25.74 -61.69
CA THR A 297 -14.81 -24.41 -61.20
C THR A 297 -13.97 -23.90 -60.03
N ILE A 298 -13.12 -24.73 -59.41
CA ILE A 298 -12.32 -24.31 -58.26
C ILE A 298 -10.89 -24.83 -58.43
N LYS A 299 -9.93 -23.92 -58.41
CA LYS A 299 -8.51 -24.28 -58.41
C LYS A 299 -7.87 -23.78 -57.12
N ILE A 300 -7.00 -24.59 -56.54
CA ILE A 300 -6.23 -24.20 -55.36
C ILE A 300 -4.79 -23.99 -55.77
N ARG A 301 -4.22 -22.87 -55.36
CA ARG A 301 -2.78 -22.69 -55.34
C ARG A 301 -2.37 -22.53 -53.88
N SER A 302 -1.35 -23.26 -53.46
CA SER A 302 -1.04 -23.30 -52.05
C SER A 302 0.47 -23.37 -51.85
N GLN A 303 0.89 -22.97 -50.65
CA GLN A 303 2.29 -22.93 -50.31
C GLN A 303 2.80 -24.29 -49.80
N ASP A 304 2.09 -24.91 -48.86
CA ASP A 304 2.55 -26.18 -48.31
C ASP A 304 1.44 -26.94 -47.57
N MET A 305 0.48 -27.48 -48.31
CA MET A 305 -0.61 -28.27 -47.77
C MET A 305 -0.42 -29.74 -48.16
N SER A 306 -1.01 -30.62 -47.36
CA SER A 306 -0.98 -32.02 -47.72
C SER A 306 -2.11 -32.33 -48.70
N GLN A 307 -1.97 -33.47 -49.37
CA GLN A 307 -3.03 -33.92 -50.28
C GLN A 307 -4.34 -34.06 -49.53
N ALA A 308 -4.28 -34.49 -48.27
CA ALA A 308 -5.49 -34.67 -47.50
C ALA A 308 -6.16 -33.34 -47.20
N GLN A 309 -5.37 -32.28 -47.02
CA GLN A 309 -5.93 -30.96 -46.82
C GLN A 309 -6.58 -30.46 -48.10
N HIS A 310 -5.88 -30.59 -49.23
CA HIS A 310 -6.46 -30.26 -50.51
C HIS A 310 -7.82 -30.91 -50.70
N LEU A 311 -7.90 -32.23 -50.45
CA LEU A 311 -9.14 -32.96 -50.68
C LEU A 311 -10.24 -32.47 -49.74
N ALA A 312 -9.92 -32.33 -48.46
CA ALA A 312 -10.91 -31.82 -47.51
C ALA A 312 -11.36 -30.40 -47.84
N ALA A 313 -10.49 -29.59 -48.44
CA ALA A 313 -10.89 -28.23 -48.79
C ALA A 313 -11.85 -28.25 -49.98
N CYS A 314 -11.47 -28.94 -51.06
CA CYS A 314 -12.39 -29.19 -52.15
C CYS A 314 -13.72 -29.74 -51.68
N ASP A 315 -13.69 -30.79 -50.86
CA ASP A 315 -14.94 -31.44 -50.43
C ASP A 315 -15.78 -30.49 -49.59
N LYS A 316 -15.15 -29.69 -48.72
CA LYS A 316 -15.92 -28.77 -47.89
C LYS A 316 -16.54 -27.65 -48.73
N MET A 317 -15.83 -27.16 -49.75
CA MET A 317 -16.41 -26.09 -50.58
C MET A 317 -17.57 -26.59 -51.42
N ALA A 318 -17.42 -27.80 -52.02
CA ALA A 318 -18.56 -28.39 -52.72
C ALA A 318 -19.75 -28.50 -51.78
N TYR A 319 -19.52 -28.87 -50.53
CA TYR A 319 -20.62 -28.95 -49.59
C TYR A 319 -21.29 -27.59 -49.39
N GLU A 320 -20.49 -26.56 -49.11
CA GLU A 320 -21.04 -25.24 -48.83
C GLU A 320 -21.82 -24.70 -50.03
N GLU A 321 -21.33 -24.98 -51.24
CA GLU A 321 -22.03 -24.55 -52.44
C GLU A 321 -23.48 -24.99 -52.43
N SER A 322 -23.74 -26.29 -52.22
CA SER A 322 -25.11 -26.77 -52.31
C SER A 322 -25.94 -26.26 -51.13
N PHE A 323 -25.34 -26.19 -49.95
CA PHE A 323 -26.04 -25.60 -48.81
C PHE A 323 -26.28 -24.10 -49.00
N PHE A 324 -25.36 -23.39 -49.65
CA PHE A 324 -25.59 -21.97 -49.95
C PHE A 324 -26.78 -21.81 -50.90
N HIS A 325 -26.80 -22.56 -52.00
CA HIS A 325 -27.82 -22.35 -53.02
C HIS A 325 -29.21 -22.70 -52.51
N THR A 326 -29.30 -23.72 -51.66
CA THR A 326 -30.58 -24.07 -51.06
C THR A 326 -31.04 -22.98 -50.10
N THR A 327 -30.15 -22.50 -49.24
CA THR A 327 -30.54 -21.56 -48.20
C THR A 327 -30.91 -20.21 -48.79
N LEU A 328 -30.18 -19.77 -49.81
CA LEU A 328 -30.39 -18.47 -50.45
C LEU A 328 -31.45 -18.49 -51.54
N GLU A 329 -31.95 -19.69 -51.89
CA GLU A 329 -32.98 -19.84 -52.93
C GLU A 329 -32.53 -19.19 -54.23
N THR A 330 -31.33 -19.55 -54.68
CA THR A 330 -30.79 -18.94 -55.88
C THR A 330 -31.38 -19.53 -57.16
N GLY A 331 -31.88 -20.76 -57.11
CA GLY A 331 -32.12 -21.47 -58.35
C GLY A 331 -30.86 -21.68 -59.17
N ASN A 332 -29.69 -21.54 -58.53
CA ASN A 332 -28.40 -21.57 -59.21
C ASN A 332 -28.31 -20.53 -60.34
N GLN A 333 -29.07 -19.45 -60.23
CA GLN A 333 -29.03 -18.41 -61.23
C GLN A 333 -28.15 -17.28 -60.74
N PRO A 334 -27.01 -17.03 -61.36
CA PRO A 334 -26.16 -15.92 -60.92
C PRO A 334 -26.78 -14.59 -61.31
N VAL A 335 -26.28 -13.52 -60.70
CA VAL A 335 -26.69 -12.19 -61.12
C VAL A 335 -26.22 -11.94 -62.56
N ALA A 336 -26.79 -10.90 -63.17
CA ALA A 336 -26.43 -10.55 -64.54
C ALA A 336 -25.01 -9.97 -64.61
N ASP A 337 -24.41 -10.05 -65.79
CA ASP A 337 -23.08 -9.48 -66.06
C ASP A 337 -22.03 -10.02 -65.12
N ASP A 338 -22.13 -11.31 -64.81
CA ASP A 338 -21.21 -11.97 -63.88
C ASP A 338 -20.77 -13.26 -64.56
N HIS A 339 -19.52 -13.27 -65.02
CA HIS A 339 -18.93 -14.42 -65.66
C HIS A 339 -18.01 -15.20 -64.72
N ASN A 340 -18.18 -15.04 -63.40
CA ASN A 340 -17.23 -15.58 -62.42
C ASN A 340 -17.49 -17.06 -62.11
N THR A 341 -17.49 -17.88 -63.17
CA THR A 341 -17.78 -19.30 -63.01
C THR A 341 -16.63 -20.06 -62.33
N GLN A 342 -15.40 -19.62 -62.55
CA GLN A 342 -14.21 -20.25 -62.03
C GLN A 342 -13.68 -19.41 -60.88
N LEU A 343 -13.18 -20.08 -59.86
CA LEU A 343 -12.64 -19.44 -58.67
C LEU A 343 -11.24 -19.95 -58.43
N GLN A 344 -10.34 -19.07 -58.05
CA GLN A 344 -8.99 -19.46 -57.68
C GLN A 344 -8.80 -19.26 -56.19
N VAL A 345 -8.35 -20.31 -55.50
CA VAL A 345 -8.16 -20.32 -54.05
C VAL A 345 -6.67 -20.33 -53.75
N ASN A 346 -6.21 -19.35 -52.96
CA ASN A 346 -4.79 -19.15 -52.64
C ASN A 346 -4.60 -19.26 -51.13
N ILE A 347 -3.78 -20.23 -50.71
CA ILE A 347 -3.68 -20.62 -49.30
C ILE A 347 -2.21 -20.66 -48.92
N PHE A 348 -1.78 -19.74 -48.03
CA PHE A 348 -0.43 -19.70 -47.50
C PHE A 348 -0.28 -20.59 -46.28
N ASN A 349 0.97 -20.83 -45.90
CA ASN A 349 1.26 -21.81 -44.85
C ASN A 349 0.90 -21.30 -43.46
N SER A 350 0.83 -19.98 -43.27
CA SER A 350 0.59 -19.39 -41.96
C SER A 350 0.28 -17.90 -42.15
N ASP A 351 -0.34 -17.31 -41.12
CA ASP A 351 -0.61 -15.87 -41.12
C ASP A 351 0.68 -15.06 -41.31
N THR A 352 1.80 -15.56 -40.82
CA THR A 352 3.07 -14.86 -41.07
C THR A 352 3.40 -14.82 -42.56
N ASP A 353 3.31 -15.97 -43.25
CA ASP A 353 3.54 -16.01 -44.69
C ASP A 353 2.55 -15.11 -45.43
N TYR A 354 1.29 -15.15 -45.02
CA TYR A 354 0.27 -14.27 -45.58
C TYR A 354 0.68 -12.81 -45.42
N GLY A 355 1.13 -12.43 -44.22
CA GLY A 355 1.57 -11.07 -43.99
C GLY A 355 2.72 -10.64 -44.88
N LYS A 356 3.67 -11.55 -45.11
CA LYS A 356 4.83 -11.22 -45.94
C LYS A 356 4.44 -11.13 -47.40
N TYR A 357 3.64 -12.08 -47.88
CA TYR A 357 3.56 -12.37 -49.32
C TYR A 357 2.30 -11.88 -49.98
N ALA A 358 1.16 -11.88 -49.28
CA ALA A 358 -0.11 -11.61 -49.94
C ALA A 358 -0.24 -10.15 -50.35
N GLY A 359 0.31 -9.23 -49.55
CA GLY A 359 0.31 -7.83 -49.91
C GLY A 359 0.91 -7.60 -51.29
N PRO A 360 2.18 -7.95 -51.46
CA PRO A 360 2.80 -7.75 -52.79
C PRO A 360 2.14 -8.54 -53.90
N ILE A 361 1.86 -9.83 -53.68
CA ILE A 361 1.32 -10.65 -54.75
C ILE A 361 -0.04 -10.13 -55.17
N PHE A 362 -0.93 -9.91 -54.21
CA PHE A 362 -2.31 -9.61 -54.52
C PHE A 362 -2.69 -8.15 -54.38
N GLY A 363 -1.84 -7.30 -53.78
CA GLY A 363 -2.17 -5.91 -53.59
C GLY A 363 -3.15 -5.61 -52.46
N ILE A 364 -3.13 -6.37 -51.37
CA ILE A 364 -4.13 -6.23 -50.32
C ILE A 364 -3.48 -5.82 -49.00
N ASP A 365 -4.31 -5.35 -48.07
CA ASP A 365 -3.93 -5.29 -46.66
C ASP A 365 -4.03 -6.70 -46.07
N THR A 366 -3.10 -7.04 -45.19
CA THR A 366 -3.06 -8.38 -44.62
C THR A 366 -3.23 -8.39 -43.10
N ASN A 367 -3.67 -7.29 -42.50
CA ASN A 367 -3.96 -7.30 -41.06
C ASN A 367 -5.42 -7.75 -40.84
N ASN A 368 -5.68 -8.98 -41.27
CA ASN A 368 -7.02 -9.54 -41.26
C ASN A 368 -6.88 -11.06 -41.42
N GLY A 369 -8.02 -11.73 -41.40
CA GLY A 369 -8.05 -13.18 -41.45
C GLY A 369 -8.21 -13.78 -42.83
N GLY A 370 -8.03 -12.98 -43.89
CA GLY A 370 -8.24 -13.47 -45.23
C GLY A 370 -8.93 -12.40 -46.06
N MET A 371 -9.05 -12.62 -47.37
CA MET A 371 -9.50 -11.59 -48.29
C MET A 371 -10.09 -12.24 -49.53
N TYR A 372 -11.26 -11.79 -49.97
CA TYR A 372 -11.86 -12.20 -51.23
C TYR A 372 -11.83 -11.04 -52.23
N LEU A 373 -11.34 -11.31 -53.45
CA LEU A 373 -11.17 -10.33 -54.51
C LEU A 373 -11.98 -10.76 -55.74
N GLU A 374 -13.20 -10.20 -55.87
CA GLU A 374 -14.12 -10.48 -56.98
C GLU A 374 -13.58 -10.01 -58.33
N GLY A 375 -12.69 -9.02 -58.35
CA GLY A 375 -12.37 -8.48 -59.65
C GLY A 375 -13.61 -7.89 -60.31
N ASN A 376 -13.58 -7.88 -61.64
CA ASN A 376 -14.69 -7.34 -62.43
C ASN A 376 -15.47 -8.48 -63.05
N PRO A 377 -16.64 -8.85 -62.49
CA PRO A 377 -17.39 -10.01 -63.03
C PRO A 377 -17.82 -9.82 -64.47
N ALA A 378 -18.00 -8.57 -64.91
CA ALA A 378 -18.44 -8.30 -66.27
C ALA A 378 -17.37 -8.63 -67.30
N ASN A 379 -16.10 -8.67 -66.92
CA ASN A 379 -15.05 -9.01 -67.89
C ASN A 379 -15.02 -10.50 -68.15
N VAL A 380 -15.06 -10.85 -69.44
CA VAL A 380 -14.83 -12.21 -69.88
C VAL A 380 -13.40 -12.59 -69.54
N GLY A 381 -13.23 -13.70 -68.84
CA GLY A 381 -11.92 -14.12 -68.43
C GLY A 381 -11.50 -13.65 -67.05
N ASN A 382 -12.35 -12.90 -66.37
CA ASN A 382 -12.09 -12.58 -64.97
C ASN A 382 -12.11 -13.85 -64.13
N ILE A 383 -11.10 -14.01 -63.29
CA ILE A 383 -11.08 -15.13 -62.34
C ILE A 383 -10.90 -14.54 -60.96
N PRO A 384 -11.92 -14.56 -60.11
CA PRO A 384 -11.78 -14.02 -58.76
C PRO A 384 -10.87 -14.90 -57.91
N ASN A 385 -10.35 -14.30 -56.84
CA ASN A 385 -9.43 -14.97 -55.92
C ASN A 385 -9.89 -14.71 -54.50
N PHE A 386 -9.83 -15.72 -53.65
CA PHE A 386 -9.74 -15.41 -52.23
C PHE A 386 -8.40 -15.95 -51.74
N ILE A 387 -7.90 -15.33 -50.68
CA ILE A 387 -6.55 -15.54 -50.17
C ILE A 387 -6.69 -15.87 -48.69
N ALA A 388 -6.01 -16.93 -48.24
CA ALA A 388 -6.20 -17.37 -46.87
C ALA A 388 -4.95 -18.07 -46.36
N TYR A 389 -4.96 -18.44 -45.09
CA TYR A 389 -3.79 -19.07 -44.50
C TYR A 389 -4.18 -20.25 -43.64
N GLU A 390 -3.29 -21.23 -43.59
CA GLU A 390 -3.48 -22.34 -42.68
C GLU A 390 -3.34 -21.87 -41.24
N ALA A 391 -4.08 -22.52 -40.34
CA ALA A 391 -4.00 -22.22 -38.92
C ALA A 391 -4.33 -23.48 -38.15
N SER A 392 -3.70 -23.61 -36.98
CA SER A 392 -3.93 -24.78 -36.13
C SER A 392 -5.34 -24.79 -35.55
N TYR A 393 -5.95 -23.62 -35.38
CA TYR A 393 -7.29 -23.49 -34.83
C TYR A 393 -8.38 -23.42 -35.91
N ALA A 394 -8.01 -23.54 -37.19
CA ALA A 394 -8.97 -23.56 -38.28
C ALA A 394 -9.78 -24.85 -38.27
N ASN A 395 -10.69 -25.00 -39.24
CA ASN A 395 -11.56 -26.17 -39.24
C ASN A 395 -10.83 -27.38 -39.84
N PRO A 396 -10.85 -28.53 -39.16
CA PRO A 396 -10.42 -29.77 -39.80
C PRO A 396 -11.47 -30.20 -40.82
N ASP A 397 -11.03 -30.94 -41.83
CA ASP A 397 -9.71 -31.55 -41.98
C ASP A 397 -8.76 -30.74 -42.82
N HIS A 398 -9.22 -29.58 -43.36
CA HIS A 398 -8.36 -28.74 -44.20
C HIS A 398 -7.49 -27.79 -43.37
N PHE A 399 -8.00 -27.30 -42.24
CA PHE A 399 -7.26 -26.37 -41.38
C PHE A 399 -6.87 -25.07 -42.09
N VAL A 400 -7.70 -24.63 -43.03
CA VAL A 400 -7.51 -23.34 -43.68
C VAL A 400 -8.40 -22.33 -42.99
N TRP A 401 -7.78 -21.33 -42.40
CA TRP A 401 -8.53 -20.34 -41.65
C TRP A 401 -9.45 -19.56 -42.58
N ASN A 402 -10.73 -19.49 -42.21
CA ASN A 402 -11.77 -18.77 -42.96
C ASN A 402 -11.99 -19.34 -44.37
N LEU A 403 -11.69 -20.61 -44.61
CA LEU A 403 -11.95 -21.19 -45.93
C LEU A 403 -13.43 -21.09 -46.30
N GLU A 404 -14.30 -21.57 -45.41
CA GLU A 404 -15.72 -21.55 -45.69
C GLU A 404 -16.25 -20.11 -45.75
N HIS A 405 -15.67 -19.21 -44.95
CA HIS A 405 -16.12 -17.83 -44.89
C HIS A 405 -15.86 -17.10 -46.21
N GLU A 406 -14.61 -17.14 -46.68
CA GLU A 406 -14.24 -16.55 -47.96
C GLU A 406 -15.00 -17.18 -49.11
N TYR A 407 -15.17 -18.50 -49.08
CA TYR A 407 -15.89 -19.17 -50.16
C TYR A 407 -17.32 -18.65 -50.26
N VAL A 408 -17.97 -18.40 -49.13
CA VAL A 408 -19.31 -17.83 -49.20
C VAL A 408 -19.26 -16.39 -49.76
N HIS A 409 -18.20 -15.63 -49.48
CA HIS A 409 -18.08 -14.31 -50.12
C HIS A 409 -18.18 -14.42 -51.64
N TYR A 410 -17.48 -15.39 -52.21
CA TYR A 410 -17.55 -15.60 -53.65
C TYR A 410 -18.97 -15.92 -54.07
N LEU A 411 -19.64 -16.82 -53.35
CA LEU A 411 -21.01 -17.18 -53.74
C LEU A 411 -21.95 -16.01 -53.57
N ASP A 412 -21.83 -15.29 -52.45
CA ASP A 412 -22.62 -14.08 -52.24
C ASP A 412 -22.39 -13.07 -53.37
N GLY A 413 -21.13 -12.85 -53.74
CA GLY A 413 -20.84 -11.89 -54.79
C GLY A 413 -21.43 -12.27 -56.12
N ARG A 414 -21.57 -13.57 -56.39
CA ARG A 414 -22.01 -14.00 -57.69
C ARG A 414 -23.52 -14.23 -57.76
N PHE A 415 -24.16 -14.56 -56.65
CA PHE A 415 -25.57 -14.92 -56.69
C PHE A 415 -26.50 -13.97 -55.96
N ASN A 416 -25.97 -13.09 -55.11
CA ASN A 416 -26.82 -12.15 -54.36
C ASN A 416 -26.54 -10.67 -54.65
N MET A 417 -25.33 -10.29 -55.06
CA MET A 417 -24.86 -8.91 -55.03
C MET A 417 -24.46 -8.49 -56.44
N TYR A 418 -25.35 -7.76 -57.11
CA TYR A 418 -25.07 -7.28 -58.45
C TYR A 418 -23.80 -6.44 -58.47
N GLY A 419 -23.05 -6.53 -59.58
CA GLY A 419 -21.88 -5.71 -59.78
C GLY A 419 -20.69 -6.09 -58.92
N ASP A 420 -19.56 -5.43 -59.14
CA ASP A 420 -18.34 -5.76 -58.42
C ASP A 420 -18.45 -5.30 -56.95
N PHE A 421 -17.35 -5.40 -56.20
CA PHE A 421 -17.39 -5.16 -54.75
C PHE A 421 -17.76 -3.72 -54.42
N GLY A 422 -17.20 -2.75 -55.13
CA GLY A 422 -17.45 -1.36 -54.82
C GLY A 422 -18.76 -0.80 -55.34
N THR A 423 -19.53 -1.59 -56.11
CA THR A 423 -20.73 -1.08 -56.76
C THR A 423 -21.79 -0.50 -55.82
N PRO A 424 -22.13 -1.10 -54.67
CA PRO A 424 -23.28 -0.60 -53.91
C PRO A 424 -23.10 0.84 -53.40
N THR A 425 -24.22 1.55 -53.35
CA THR A 425 -24.28 2.92 -52.89
C THR A 425 -24.90 3.03 -51.51
N GLU A 426 -25.11 1.88 -50.84
CA GLU A 426 -25.54 1.82 -49.46
C GLU A 426 -24.67 0.80 -48.74
N LEU A 427 -24.71 0.85 -47.41
CA LEU A 427 -23.89 -0.05 -46.60
C LEU A 427 -24.44 -1.47 -46.70
N VAL A 428 -23.58 -2.41 -47.11
CA VAL A 428 -23.92 -3.82 -47.17
C VAL A 428 -23.04 -4.69 -46.26
N VAL A 429 -22.27 -4.06 -45.36
CA VAL A 429 -21.27 -4.80 -44.59
C VAL A 429 -21.94 -5.86 -43.71
N TRP A 430 -22.98 -5.48 -42.99
CA TRP A 430 -23.67 -6.43 -42.12
C TRP A 430 -24.12 -7.66 -42.89
N TRP A 431 -24.63 -7.47 -44.11
CA TRP A 431 -25.10 -8.60 -44.90
C TRP A 431 -23.93 -9.44 -45.39
N SER A 432 -22.97 -8.79 -46.06
CA SER A 432 -21.86 -9.53 -46.66
C SER A 432 -21.15 -10.39 -45.62
N GLU A 433 -20.78 -9.77 -44.48
CA GLU A 433 -20.09 -10.52 -43.44
C GLU A 433 -21.05 -11.43 -42.68
N GLY A 434 -22.26 -10.94 -42.41
CA GLY A 434 -23.22 -11.77 -41.70
C GLY A 434 -23.56 -13.05 -42.45
N VAL A 435 -23.78 -12.95 -43.77
CA VAL A 435 -24.16 -14.16 -44.51
C VAL A 435 -22.96 -15.06 -44.66
N ALA A 436 -21.76 -14.49 -44.76
CA ALA A 436 -20.57 -15.32 -44.88
C ALA A 436 -20.38 -16.15 -43.61
N GLU A 437 -20.65 -15.55 -42.44
CA GLU A 437 -20.58 -16.27 -41.17
C GLU A 437 -21.73 -17.25 -41.01
N TYR A 438 -22.95 -16.83 -41.34
CA TYR A 438 -24.12 -17.66 -41.06
C TYR A 438 -24.13 -18.91 -41.92
N VAL A 439 -23.89 -18.76 -43.23
CA VAL A 439 -23.92 -19.92 -44.10
C VAL A 439 -22.80 -20.91 -43.74
N SER A 440 -21.68 -20.41 -43.22
CA SER A 440 -20.54 -21.29 -42.93
C SER A 440 -20.58 -21.87 -41.51
N ARG A 441 -21.22 -21.18 -40.57
CA ARG A 441 -21.27 -21.65 -39.19
C ARG A 441 -22.65 -22.09 -38.74
N VAL A 442 -23.70 -21.68 -39.45
CA VAL A 442 -25.08 -21.95 -39.08
C VAL A 442 -25.28 -21.57 -37.61
N ASN A 443 -25.39 -22.56 -36.73
CA ASN A 443 -25.76 -22.32 -35.33
C ASN A 443 -24.59 -22.48 -34.36
N ASP A 444 -23.42 -22.85 -34.85
CA ASP A 444 -22.23 -22.96 -34.01
C ASP A 444 -21.48 -21.64 -34.02
N ASN A 445 -21.78 -20.77 -33.06
CA ASN A 445 -21.11 -19.48 -32.96
C ASN A 445 -21.08 -19.04 -31.50
N PRO A 446 -20.16 -19.57 -30.70
CA PRO A 446 -20.15 -19.20 -29.28
C PRO A 446 -19.88 -17.71 -29.03
N GLN A 447 -19.00 -17.08 -29.81
CA GLN A 447 -18.72 -15.67 -29.57
C GLN A 447 -19.94 -14.80 -29.82
N ALA A 448 -20.82 -15.23 -30.74
CA ALA A 448 -22.06 -14.49 -30.98
C ALA A 448 -22.97 -14.56 -29.76
N ILE A 449 -23.10 -15.76 -29.15
CA ILE A 449 -23.85 -15.86 -27.91
C ILE A 449 -23.20 -14.99 -26.84
N ALA A 450 -21.86 -14.99 -26.77
CA ALA A 450 -21.17 -14.24 -25.73
C ALA A 450 -21.46 -12.74 -25.81
N THR A 451 -21.44 -12.16 -27.01
CA THR A 451 -21.65 -10.73 -27.11
C THR A 451 -23.08 -10.32 -26.76
N ILE A 452 -24.01 -11.27 -26.75
CA ILE A 452 -25.34 -11.00 -26.20
C ILE A 452 -25.27 -11.00 -24.68
N GLN A 453 -24.63 -12.02 -24.10
CA GLN A 453 -24.65 -12.20 -22.66
C GLN A 453 -23.83 -11.16 -21.91
N ASP A 454 -22.91 -10.46 -22.57
CA ASP A 454 -22.04 -9.54 -21.85
C ASP A 454 -22.66 -8.17 -21.64
N GLY A 455 -23.91 -7.96 -22.04
CA GLY A 455 -24.63 -6.73 -21.76
C GLY A 455 -24.58 -5.68 -22.86
N SER A 456 -23.52 -5.66 -23.67
CA SER A 456 -23.41 -4.71 -24.76
C SER A 456 -24.06 -5.30 -26.01
N THR A 457 -25.05 -4.61 -26.57
CA THR A 457 -25.84 -5.11 -27.70
C THR A 457 -26.06 -4.00 -28.73
N TYR A 458 -26.53 -4.40 -29.91
CA TYR A 458 -26.81 -3.50 -31.02
C TYR A 458 -28.24 -3.69 -31.51
N THR A 459 -28.89 -2.58 -31.83
CA THR A 459 -30.17 -2.66 -32.51
C THR A 459 -29.96 -3.04 -33.97
N LEU A 460 -30.99 -3.64 -34.58
CA LEU A 460 -31.00 -3.86 -36.02
C LEU A 460 -30.57 -2.61 -36.79
N ALA A 461 -31.13 -1.45 -36.41
CA ALA A 461 -30.77 -0.20 -37.07
C ALA A 461 -29.27 0.03 -37.04
N GLN A 462 -28.65 -0.16 -35.86
CA GLN A 462 -27.21 -0.01 -35.74
C GLN A 462 -26.46 -1.07 -36.55
N VAL A 463 -26.97 -2.31 -36.59
CA VAL A 463 -26.27 -3.35 -37.33
C VAL A 463 -26.24 -2.98 -38.81
N PHE A 464 -27.37 -2.54 -39.34
CA PHE A 464 -27.44 -2.23 -40.76
C PHE A 464 -26.52 -1.07 -41.13
N ASP A 465 -26.26 -0.15 -40.21
CA ASP A 465 -25.39 0.99 -40.48
C ASP A 465 -23.91 0.72 -40.16
N THR A 466 -23.55 -0.55 -39.94
CA THR A 466 -22.17 -0.92 -39.63
C THR A 466 -21.24 -0.72 -40.82
N THR A 467 -20.03 -0.24 -40.54
CA THR A 467 -18.98 -0.12 -41.55
C THR A 467 -17.70 -0.78 -41.05
N TYR A 468 -16.70 -0.84 -41.93
CA TYR A 468 -15.39 -1.34 -41.60
C TYR A 468 -14.52 -0.33 -40.83
N ASP A 469 -15.02 0.88 -40.55
CA ASP A 469 -14.20 1.89 -39.91
C ASP A 469 -13.89 1.50 -38.48
N GLY A 470 -12.61 1.58 -38.11
CA GLY A 470 -12.16 1.08 -36.84
C GLY A 470 -12.05 -0.41 -36.77
N PHE A 471 -12.67 -1.13 -37.71
CA PHE A 471 -12.64 -2.59 -37.78
C PHE A 471 -13.13 -3.20 -36.46
N ASP A 472 -14.39 -2.90 -36.15
CA ASP A 472 -15.09 -3.41 -34.96
C ASP A 472 -15.53 -4.84 -35.27
N VAL A 473 -14.67 -5.80 -34.93
CA VAL A 473 -14.93 -7.19 -35.26
C VAL A 473 -16.21 -7.67 -34.58
N ASP A 474 -16.46 -7.23 -33.35
CA ASP A 474 -17.67 -7.64 -32.65
C ASP A 474 -18.91 -7.22 -33.42
N ARG A 475 -19.01 -5.93 -33.73
CA ARG A 475 -20.18 -5.42 -34.45
C ARG A 475 -20.29 -6.05 -35.84
N ILE A 476 -19.16 -6.14 -36.56
CA ILE A 476 -19.19 -6.61 -37.93
C ILE A 476 -19.59 -8.08 -38.00
N TYR A 477 -18.81 -8.94 -37.36
CA TYR A 477 -18.96 -10.36 -37.58
C TYR A 477 -19.97 -11.01 -36.63
N ARG A 478 -20.01 -10.60 -35.36
CA ARG A 478 -20.94 -11.24 -34.46
C ARG A 478 -22.35 -10.71 -34.68
N TRP A 479 -22.49 -9.39 -34.66
CA TRP A 479 -23.82 -8.81 -34.80
C TRP A 479 -24.33 -8.87 -36.24
N GLY A 480 -23.45 -8.80 -37.23
CA GLY A 480 -23.86 -9.13 -38.59
C GLY A 480 -24.41 -10.55 -38.67
N TYR A 481 -23.73 -11.49 -38.01
CA TYR A 481 -24.20 -12.86 -37.98
C TYR A 481 -25.59 -12.94 -37.36
N LEU A 482 -25.79 -12.32 -36.20
CA LEU A 482 -27.06 -12.41 -35.50
C LEU A 482 -28.20 -11.84 -36.34
N ALA A 483 -27.99 -10.66 -36.92
CA ALA A 483 -29.02 -10.04 -37.74
C ALA A 483 -29.41 -10.92 -38.92
N VAL A 484 -28.42 -11.47 -39.62
CA VAL A 484 -28.69 -12.37 -40.74
C VAL A 484 -29.40 -13.62 -40.26
N ARG A 485 -28.86 -14.28 -39.23
CA ARG A 485 -29.47 -15.50 -38.73
C ARG A 485 -30.92 -15.25 -38.30
N PHE A 486 -31.14 -14.15 -37.57
CA PHE A 486 -32.49 -13.82 -37.12
C PHE A 486 -33.47 -13.71 -38.28
N MET A 487 -33.06 -13.03 -39.36
CA MET A 487 -33.99 -12.85 -40.48
C MET A 487 -34.25 -14.16 -41.21
N PHE A 488 -33.20 -14.98 -41.45
CA PHE A 488 -33.42 -16.28 -42.08
C PHE A 488 -34.33 -17.18 -41.25
N GLU A 489 -34.29 -17.04 -39.92
CA GLU A 489 -35.10 -17.91 -39.08
C GLU A 489 -36.54 -17.42 -38.98
N ARG A 490 -36.74 -16.12 -38.75
CA ARG A 490 -38.04 -15.54 -38.47
C ARG A 490 -38.72 -14.91 -39.69
N HIS A 491 -37.96 -14.41 -40.67
CA HIS A 491 -38.55 -13.73 -41.83
C HIS A 491 -37.74 -14.05 -43.09
N PRO A 492 -37.59 -15.33 -43.43
CA PRO A 492 -36.85 -15.67 -44.66
C PRO A 492 -37.53 -15.15 -45.91
N ASP A 493 -38.84 -14.89 -45.87
CA ASP A 493 -39.50 -14.32 -47.05
C ASP A 493 -39.07 -12.87 -47.26
N GLU A 494 -38.88 -12.13 -46.16
CA GLU A 494 -38.34 -10.79 -46.28
C GLU A 494 -36.90 -10.81 -46.78
N VAL A 495 -36.12 -11.86 -46.46
CA VAL A 495 -34.76 -11.96 -46.98
C VAL A 495 -34.78 -12.04 -48.51
N GLN A 496 -35.78 -12.73 -49.06
CA GLN A 496 -35.86 -12.83 -50.51
C GLN A 496 -36.34 -11.52 -51.14
N ARG A 497 -37.22 -10.78 -50.46
CA ARG A 497 -37.59 -9.48 -50.96
C ARG A 497 -36.35 -8.57 -51.06
N MET A 498 -35.52 -8.58 -50.01
CA MET A 498 -34.26 -7.84 -50.04
C MET A 498 -33.38 -8.28 -51.20
N LEU A 499 -33.27 -9.59 -51.41
CA LEU A 499 -32.34 -10.08 -52.42
C LEU A 499 -32.83 -9.78 -53.82
N SER A 500 -34.15 -9.68 -54.04
CA SER A 500 -34.64 -9.20 -55.32
C SER A 500 -34.02 -7.85 -55.66
N ALA A 501 -33.88 -6.99 -54.65
CA ALA A 501 -33.25 -5.68 -54.85
C ALA A 501 -31.75 -5.82 -55.07
N THR A 502 -31.05 -6.56 -54.19
CA THR A 502 -29.59 -6.61 -54.31
C THR A 502 -29.16 -7.37 -55.56
N ARG A 503 -29.95 -8.35 -55.98
CA ARG A 503 -29.58 -9.10 -57.16
C ARG A 503 -29.71 -8.30 -58.43
N GLN A 504 -30.41 -7.14 -58.38
CA GLN A 504 -30.57 -6.22 -59.51
C GLN A 504 -29.83 -4.89 -59.30
N GLY A 505 -29.04 -4.78 -58.23
CA GLY A 505 -28.32 -3.55 -57.97
C GLY A 505 -29.17 -2.39 -57.51
N ARG A 506 -30.38 -2.65 -57.01
CA ARG A 506 -31.28 -1.58 -56.60
CA ARG A 506 -31.29 -1.59 -56.60
C ARG A 506 -31.01 -1.24 -55.13
N TRP A 507 -29.90 -0.53 -54.93
CA TRP A 507 -29.39 -0.34 -53.57
C TRP A 507 -30.31 0.54 -52.73
N ALA A 508 -30.94 1.57 -53.32
CA ALA A 508 -31.85 2.40 -52.54
C ALA A 508 -33.09 1.65 -52.12
N GLU A 509 -33.58 0.72 -52.96
CA GLU A 509 -34.71 -0.10 -52.55
CA GLU A 509 -34.71 -0.14 -52.59
C GLU A 509 -34.31 -1.11 -51.49
N TYR A 510 -33.14 -1.74 -51.63
CA TYR A 510 -32.59 -2.59 -50.58
C TYR A 510 -32.56 -1.85 -49.24
N LYS A 511 -32.08 -0.60 -49.24
CA LYS A 511 -31.96 0.16 -48.02
C LYS A 511 -33.32 0.51 -47.43
N ALA A 512 -34.30 0.85 -48.28
CA ALA A 512 -35.64 1.11 -47.77
C ALA A 512 -36.24 -0.14 -47.14
N ILE A 513 -35.98 -1.30 -47.75
CA ILE A 513 -36.52 -2.56 -47.22
C ILE A 513 -35.96 -2.84 -45.83
N ILE A 514 -34.64 -2.77 -45.66
CA ILE A 514 -34.09 -3.18 -44.35
C ILE A 514 -34.30 -2.09 -43.29
N SER A 515 -34.44 -0.82 -43.69
CA SER A 515 -34.82 0.19 -42.70
C SER A 515 -36.23 -0.06 -42.19
N GLY A 516 -37.10 -0.62 -43.04
CA GLY A 516 -38.38 -1.09 -42.53
C GLY A 516 -38.22 -2.14 -41.45
N TRP A 517 -37.34 -3.12 -41.67
CA TRP A 517 -37.07 -4.15 -40.66
C TRP A 517 -36.63 -3.54 -39.34
N ALA A 518 -35.70 -2.58 -39.39
CA ALA A 518 -35.17 -2.00 -38.16
C ALA A 518 -36.25 -1.30 -37.36
N ASN A 519 -37.37 -0.96 -37.98
CA ASN A 519 -38.51 -0.44 -37.24
C ASN A 519 -39.51 -1.53 -36.84
N GLN A 520 -39.77 -2.51 -37.72
CA GLN A 520 -40.76 -3.53 -37.39
C GLN A 520 -40.22 -4.54 -36.39
N TYR A 521 -39.03 -5.07 -36.64
CA TYR A 521 -38.58 -6.30 -36.02
C TYR A 521 -37.63 -6.08 -34.86
N GLN A 522 -37.35 -4.84 -34.48
CA GLN A 522 -36.39 -4.59 -33.41
C GLN A 522 -36.81 -5.30 -32.12
N SER A 523 -38.07 -5.11 -31.71
CA SER A 523 -38.57 -5.77 -30.51
C SER A 523 -38.48 -7.29 -30.64
N GLU A 524 -38.85 -7.83 -31.81
CA GLU A 524 -38.76 -9.27 -32.02
C GLU A 524 -37.31 -9.74 -32.00
N PHE A 525 -36.41 -8.93 -32.56
CA PHE A 525 -34.99 -9.27 -32.57
C PHE A 525 -34.39 -9.21 -31.16
N ALA A 526 -34.80 -8.21 -30.37
CA ALA A 526 -34.28 -8.09 -29.01
C ALA A 526 -34.67 -9.30 -28.17
N GLN A 527 -35.94 -9.68 -28.23
CA GLN A 527 -36.42 -10.87 -27.53
C GLN A 527 -35.72 -12.13 -28.06
N TRP A 528 -35.45 -12.18 -29.37
CA TRP A 528 -34.83 -13.34 -29.97
C TRP A 528 -33.40 -13.53 -29.48
N THR A 529 -32.61 -12.45 -29.41
CA THR A 529 -31.26 -12.60 -28.89
C THR A 529 -31.26 -13.05 -27.44
N GLU A 530 -32.30 -12.71 -26.68
CA GLU A 530 -32.38 -13.16 -25.29
C GLU A 530 -32.66 -14.66 -25.21
N ALA A 531 -33.65 -15.13 -25.97
CA ALA A 531 -33.92 -16.57 -26.02
C ALA A 531 -32.71 -17.35 -26.51
N LEU A 532 -31.86 -16.72 -27.32
CA LEU A 532 -30.63 -17.34 -27.76
C LEU A 532 -29.61 -17.44 -26.62
N ALA A 533 -29.48 -16.38 -25.83
CA ALA A 533 -28.54 -16.39 -24.73
C ALA A 533 -29.02 -17.26 -23.57
N LYS A 534 -30.33 -17.52 -23.46
CA LYS A 534 -30.87 -18.41 -22.45
C LYS A 534 -30.67 -19.87 -22.84
N GLY A 535 -31.26 -20.27 -23.97
CA GLY A 535 -31.17 -21.65 -24.45
C GLY A 535 -29.78 -22.09 -24.83
N GLU B 3 -1.57 6.51 3.30
CA GLU B 3 -2.74 7.02 4.02
C GLU B 3 -3.21 6.07 5.12
N GLN B 4 -3.71 4.90 4.74
CA GLN B 4 -4.42 4.00 5.64
C GLN B 4 -3.53 2.86 6.15
N CYS B 5 -3.71 2.51 7.42
CA CYS B 5 -3.05 1.34 7.98
C CYS B 5 -3.78 0.06 7.57
N ASP B 6 -3.01 -0.97 7.25
CA ASP B 6 -3.55 -2.27 6.83
C ASP B 6 -2.79 -3.35 7.60
N LEU B 7 -3.30 -3.69 8.79
CA LEU B 7 -2.63 -4.66 9.64
C LEU B 7 -2.51 -6.03 8.99
N SER B 8 -3.40 -6.36 8.04
CA SER B 8 -3.36 -7.68 7.41
C SER B 8 -2.12 -7.86 6.53
N GLN B 9 -1.59 -6.78 5.95
CA GLN B 9 -0.36 -6.84 5.16
C GLN B 9 0.79 -7.44 5.95
N PHE B 10 0.77 -7.31 7.28
CA PHE B 10 1.82 -7.86 8.12
C PHE B 10 1.65 -9.35 8.39
N GLN B 11 0.43 -9.89 8.24
CA GLN B 11 0.17 -11.31 8.49
C GLN B 11 0.51 -12.08 7.22
N THR B 12 1.79 -12.37 7.06
CA THR B 12 2.28 -12.91 5.80
C THR B 12 3.46 -13.81 6.08
N THR B 13 3.72 -14.73 5.16
CA THR B 13 4.87 -15.61 5.27
C THR B 13 6.04 -15.14 4.44
N SER B 14 5.84 -14.10 3.63
CA SER B 14 6.87 -13.50 2.80
C SER B 14 7.57 -12.37 3.58
N SER B 15 8.89 -12.49 3.74
CA SER B 15 9.63 -11.41 4.38
C SER B 15 9.61 -10.14 3.54
N ASN B 16 9.62 -10.28 2.21
CA ASN B 16 9.58 -9.10 1.35
C ASN B 16 8.26 -8.36 1.50
N GLN B 17 7.14 -9.09 1.46
CA GLN B 17 5.86 -8.42 1.67
C GLN B 17 5.83 -7.74 3.03
N LEU B 18 6.43 -8.39 4.03
CA LEU B 18 6.51 -7.80 5.37
C LEU B 18 7.30 -6.50 5.36
N MET B 19 8.47 -6.52 4.71
CA MET B 19 9.29 -5.32 4.68
C MET B 19 8.69 -4.24 3.77
N ALA B 20 8.02 -4.65 2.69
CA ALA B 20 7.26 -3.69 1.90
C ALA B 20 6.19 -3.01 2.76
N ALA B 21 5.52 -3.76 3.63
CA ALA B 21 4.53 -3.13 4.49
C ALA B 21 5.18 -2.22 5.52
N ILE B 22 6.33 -2.63 6.09
CA ILE B 22 6.99 -1.83 7.11
C ILE B 22 7.35 -0.46 6.55
N ARG B 23 8.06 -0.44 5.42
CA ARG B 23 8.51 0.83 4.86
C ARG B 23 7.38 1.62 4.22
N GLN B 24 6.34 0.95 3.70
CA GLN B 24 5.27 1.68 3.04
C GLN B 24 4.18 2.14 4.00
N GLN B 25 3.93 1.41 5.07
CA GLN B 25 2.94 1.87 6.03
C GLN B 25 3.55 2.74 7.13
N GLY B 26 4.85 2.62 7.38
CA GLY B 26 5.52 3.54 8.29
C GLY B 26 5.29 3.23 9.77
N ALA B 27 6.01 3.99 10.60
CA ALA B 27 6.11 3.68 12.02
C ALA B 27 4.74 3.72 12.70
N SER B 28 3.88 4.65 12.31
CA SER B 28 2.60 4.79 13.00
C SER B 28 1.68 3.60 12.76
N CYS B 29 1.84 2.89 11.62
CA CYS B 29 1.04 1.69 11.42
C CYS B 29 1.68 0.47 12.09
N VAL B 30 3.01 0.39 12.07
CA VAL B 30 3.70 -0.70 12.75
C VAL B 30 3.33 -0.73 14.23
N ASN B 31 2.96 0.43 14.78
CA ASN B 31 2.51 0.53 16.17
C ASN B 31 1.34 -0.42 16.47
N ALA B 32 0.50 -0.69 15.48
CA ALA B 32 -0.64 -1.59 15.72
C ALA B 32 -0.18 -3.00 16.10
N LEU B 33 1.05 -3.39 15.75
CA LEU B 33 1.51 -4.75 16.01
C LEU B 33 1.64 -5.05 17.50
N PHE B 34 1.86 -4.02 18.33
CA PHE B 34 2.04 -4.25 19.76
C PHE B 34 0.78 -4.86 20.39
N SER B 35 -0.40 -4.41 19.96
CA SER B 35 -1.66 -4.80 20.56
C SER B 35 -2.53 -5.61 19.60
N ALA B 36 -1.95 -6.13 18.52
CA ALA B 36 -2.74 -6.90 17.57
C ALA B 36 -3.03 -8.30 18.13
N ASP B 37 -3.97 -9.00 17.49
CA ASP B 37 -4.33 -10.34 17.92
C ASP B 37 -3.17 -11.30 17.77
N THR B 38 -3.21 -12.38 18.55
CA THR B 38 -2.14 -13.38 18.51
C THR B 38 -1.96 -13.98 17.12
N GLY B 39 -2.98 -13.96 16.28
CA GLY B 39 -2.79 -14.43 14.92
C GLY B 39 -1.83 -13.55 14.14
N VAL B 40 -2.06 -12.24 14.18
CA VAL B 40 -1.17 -11.32 13.48
C VAL B 40 0.22 -11.35 14.08
N GLN B 41 0.32 -11.31 15.41
CA GLN B 41 1.62 -11.31 16.07
C GLN B 41 2.43 -12.55 15.68
N GLU B 42 1.79 -13.72 15.70
CA GLU B 42 2.50 -14.98 15.43
C GLU B 42 3.02 -15.03 14.00
N ALA B 43 2.22 -14.52 13.04
CA ALA B 43 2.68 -14.48 11.66
C ALA B 43 3.75 -13.40 11.47
N ALA B 44 3.57 -12.23 12.09
CA ALA B 44 4.46 -11.11 11.82
C ALA B 44 5.84 -11.31 12.42
N PHE B 45 5.92 -12.01 13.56
CA PHE B 45 7.14 -12.11 14.35
C PHE B 45 7.74 -13.52 14.36
N SER B 46 7.65 -14.23 13.25
CA SER B 46 8.40 -15.48 13.15
C SER B 46 9.90 -15.20 13.26
N SER B 47 10.64 -16.22 13.65
CA SER B 47 12.09 -16.08 13.71
C SER B 47 12.71 -15.84 12.34
N ASN B 48 12.10 -16.39 11.29
CA ASN B 48 12.56 -16.10 9.94
C ASN B 48 12.40 -14.62 9.62
N HIS B 49 11.22 -14.08 9.93
CA HIS B 49 10.94 -12.67 9.65
C HIS B 49 11.87 -11.75 10.42
N MET B 50 12.05 -12.01 11.73
CA MET B 50 12.93 -11.16 12.53
C MET B 50 14.35 -11.15 11.97
N TYR B 51 14.84 -12.32 11.57
CA TYR B 51 16.22 -12.39 11.10
C TYR B 51 16.39 -11.65 9.79
N ASN B 52 15.43 -11.80 8.87
CA ASN B 52 15.56 -11.17 7.57
C ASN B 52 15.36 -9.66 7.65
N VAL B 53 14.36 -9.23 8.41
CA VAL B 53 14.20 -7.80 8.63
C VAL B 53 15.44 -7.21 9.28
N ALA B 54 15.99 -7.91 10.29
CA ALA B 54 17.18 -7.41 10.98
C ALA B 54 18.38 -7.35 10.03
N GLN B 55 18.47 -8.30 9.10
CA GLN B 55 19.57 -8.29 8.14
C GLN B 55 19.44 -7.12 7.16
N TYR B 56 18.24 -6.85 6.67
CA TYR B 56 18.02 -5.71 5.79
C TYR B 56 18.20 -4.40 6.54
N THR B 57 17.78 -4.36 7.81
CA THR B 57 17.96 -3.18 8.64
C THR B 57 19.44 -2.89 8.86
N ARG B 58 20.25 -3.94 9.01
CA ARG B 58 21.67 -3.74 9.26
CA ARG B 58 21.67 -3.73 9.26
C ARG B 58 22.33 -3.00 8.09
N THR B 59 22.06 -3.44 6.86
CA THR B 59 22.74 -2.82 5.73
C THR B 59 22.14 -1.47 5.36
N LEU B 60 20.85 -1.26 5.59
CA LEU B 60 20.31 0.08 5.37
C LEU B 60 20.90 1.06 6.39
N ALA B 61 21.09 0.61 7.64
CA ALA B 61 21.70 1.51 8.64
C ALA B 61 23.15 1.82 8.28
N GLN B 62 23.87 0.87 7.68
CA GLN B 62 25.23 1.14 7.24
C GLN B 62 25.27 2.26 6.21
N GLN B 63 24.21 2.40 5.41
CA GLN B 63 24.15 3.41 4.36
C GLN B 63 23.58 4.73 4.86
N TYR B 64 23.09 4.76 6.10
CA TYR B 64 22.53 5.98 6.65
C TYR B 64 23.52 7.13 6.52
N ALA B 65 23.02 8.26 6.01
CA ALA B 65 23.83 9.45 5.82
C ALA B 65 23.22 10.64 6.51
N GLY B 66 22.60 10.41 7.67
CA GLY B 66 22.07 11.49 8.47
C GLY B 66 20.68 11.92 8.04
N GLY B 67 20.12 12.84 8.84
CA GLY B 67 18.90 13.53 8.50
C GLY B 67 17.60 12.81 8.83
N GLY B 68 17.65 11.68 9.54
CA GLY B 68 16.46 10.93 9.83
C GLY B 68 16.13 9.94 8.73
N SER B 69 15.28 8.97 9.08
CA SER B 69 14.91 7.91 8.13
C SER B 69 13.57 7.32 8.56
N ASP B 70 12.51 7.59 7.80
CA ASP B 70 11.21 6.97 8.09
C ASP B 70 11.29 5.45 8.02
N GLU B 71 12.11 4.92 7.11
CA GLU B 71 12.16 3.47 6.96
C GLU B 71 12.87 2.83 8.16
N LEU B 72 14.05 3.32 8.51
CA LEU B 72 14.77 2.79 9.68
C LEU B 72 13.92 2.93 10.94
N GLU B 73 13.29 4.07 11.15
CA GLU B 73 12.40 4.20 12.29
C GLU B 73 11.39 3.06 12.33
N ALA B 74 10.71 2.81 11.21
CA ALA B 74 9.72 1.74 11.16
C ALA B 74 10.36 0.37 11.36
N LEU B 75 11.58 0.18 10.84
CA LEU B 75 12.25 -1.10 10.96
C LEU B 75 12.64 -1.40 12.40
N TYR B 76 13.32 -0.48 13.08
CA TYR B 76 13.68 -0.75 14.47
C TYR B 76 12.44 -0.83 15.35
N LEU B 77 11.42 -0.01 15.06
CA LEU B 77 10.17 -0.16 15.78
C LEU B 77 9.62 -1.58 15.63
N TYR B 78 9.63 -2.11 14.41
CA TYR B 78 9.21 -3.49 14.20
C TYR B 78 10.03 -4.45 15.07
N LEU B 79 11.37 -4.35 15.00
CA LEU B 79 12.22 -5.28 15.74
C LEU B 79 11.94 -5.23 17.23
N ARG B 80 11.77 -4.04 17.80
CA ARG B 80 11.52 -4.01 19.24
C ARG B 80 10.09 -4.44 19.56
N ALA B 81 9.16 -4.25 18.60
CA ALA B 81 7.81 -4.78 18.78
C ALA B 81 7.81 -6.29 18.84
N GLY B 82 8.72 -6.93 18.09
CA GLY B 82 8.83 -8.38 18.17
C GLY B 82 9.19 -8.82 19.58
N TYR B 83 10.19 -8.16 20.19
CA TYR B 83 10.58 -8.53 21.54
C TYR B 83 9.46 -8.27 22.54
N TYR B 84 8.71 -7.19 22.36
CA TYR B 84 7.52 -6.99 23.19
C TYR B 84 6.55 -8.15 23.01
N ALA B 85 6.21 -8.48 21.75
CA ALA B 85 5.29 -9.57 21.52
C ALA B 85 5.86 -10.88 22.04
N GLU B 86 7.18 -11.09 21.89
CA GLU B 86 7.79 -12.31 22.40
C GLU B 86 7.66 -12.42 23.91
N PHE B 87 7.72 -11.29 24.61
CA PHE B 87 7.60 -11.31 26.06
C PHE B 87 6.18 -11.66 26.49
N TYR B 88 5.18 -11.04 25.87
CA TYR B 88 3.80 -11.19 26.29
C TYR B 88 3.07 -12.37 25.64
N ASN B 89 3.55 -12.88 24.52
CA ASN B 89 2.85 -13.91 23.77
C ASN B 89 3.54 -15.25 23.99
N SER B 90 2.80 -16.20 24.58
CA SER B 90 3.38 -17.51 24.88
C SER B 90 3.71 -18.28 23.61
N ASN B 91 2.88 -18.15 22.57
CA ASN B 91 3.09 -18.80 21.27
C ASN B 91 4.30 -18.26 20.50
N ILE B 92 5.06 -17.32 21.05
CA ILE B 92 6.15 -16.66 20.35
C ILE B 92 7.43 -16.81 21.17
N THR B 93 8.41 -17.51 20.60
CA THR B 93 9.72 -17.63 21.21
C THR B 93 10.75 -17.53 20.08
N PHE B 94 11.70 -16.62 20.23
CA PHE B 94 12.69 -16.40 19.18
C PHE B 94 13.79 -17.45 19.27
N LEU B 95 14.15 -18.00 18.12
CA LEU B 95 15.25 -18.95 18.08
C LEU B 95 16.56 -18.24 18.39
N SER B 96 17.58 -19.04 18.73
CA SER B 96 18.82 -18.48 19.26
C SER B 96 19.55 -17.57 18.28
N TRP B 97 19.32 -17.72 16.97
CA TRP B 97 20.05 -16.94 15.98
C TRP B 97 19.36 -15.61 15.66
N VAL B 98 18.25 -15.29 16.31
CA VAL B 98 17.54 -14.04 16.05
C VAL B 98 18.31 -12.87 16.64
N THR B 99 18.56 -12.90 17.95
CA THR B 99 19.14 -11.76 18.65
C THR B 99 20.53 -11.36 18.15
N PRO B 100 21.44 -12.27 17.77
CA PRO B 100 22.69 -11.79 17.18
C PRO B 100 22.47 -10.95 15.93
N ALA B 101 21.46 -11.28 15.12
CA ALA B 101 21.17 -10.49 13.92
C ALA B 101 20.61 -9.14 14.28
N VAL B 102 19.71 -9.10 15.28
CA VAL B 102 19.21 -7.83 15.77
C VAL B 102 20.35 -6.98 16.31
N LYS B 103 21.29 -7.60 17.04
CA LYS B 103 22.44 -6.85 17.50
C LYS B 103 23.30 -6.37 16.34
N GLY B 104 23.33 -7.13 15.24
CA GLY B 104 24.04 -6.64 14.06
C GLY B 104 23.40 -5.38 13.50
N ALA B 105 22.07 -5.30 13.56
CA ALA B 105 21.36 -4.14 13.03
C ALA B 105 21.53 -2.92 13.93
N VAL B 106 21.57 -3.14 15.24
CA VAL B 106 21.77 -2.02 16.17
C VAL B 106 23.20 -1.52 16.03
N ASP B 107 24.18 -2.42 16.04
CA ASP B 107 25.57 -2.03 15.86
C ASP B 107 25.78 -1.24 14.57
N ALA B 108 25.08 -1.62 13.48
CA ALA B 108 25.28 -0.90 12.22
C ALA B 108 24.92 0.58 12.37
N PHE B 109 23.86 0.87 13.11
CA PHE B 109 23.49 2.26 13.38
C PHE B 109 24.49 2.94 14.33
N VAL B 110 24.92 2.22 15.38
CA VAL B 110 25.82 2.80 16.39
C VAL B 110 27.19 3.14 15.80
N GLN B 111 27.70 2.30 14.91
CA GLN B 111 29.01 2.53 14.30
C GLN B 111 28.93 3.49 13.11
N ASN B 112 27.74 3.84 12.67
CA ASN B 112 27.60 4.83 11.60
C ASN B 112 28.10 6.21 12.04
N ALA B 113 28.88 6.86 11.18
CA ALA B 113 29.42 8.19 11.50
C ALA B 113 28.35 9.20 11.93
N HIS B 114 27.08 8.95 11.65
CA HIS B 114 26.02 9.87 11.98
C HIS B 114 25.32 9.55 13.29
N PHE B 115 25.83 8.56 14.03
CA PHE B 115 25.12 8.08 15.21
C PHE B 115 24.86 9.20 16.21
N TYR B 116 25.85 10.07 16.42
CA TYR B 116 25.71 11.18 17.37
C TYR B 116 25.26 12.48 16.72
N ASP B 117 24.56 12.40 15.57
CA ASP B 117 24.00 13.60 14.96
C ASP B 117 22.95 14.25 15.87
N ASN B 118 22.86 15.57 15.78
CA ASN B 118 21.79 16.34 16.39
C ASN B 118 20.66 16.51 15.37
N GLY B 119 19.44 16.67 15.88
CA GLY B 119 18.29 16.95 15.03
C GLY B 119 17.06 16.12 15.39
N ASP B 120 15.88 16.66 15.06
CA ASP B 120 14.65 15.99 15.44
C ASP B 120 14.40 14.71 14.62
N ALA B 121 14.65 14.75 13.30
CA ALA B 121 14.41 13.55 12.51
C ALA B 121 15.36 12.43 12.91
N HIS B 122 16.65 12.76 13.05
CA HIS B 122 17.61 11.82 13.56
C HIS B 122 17.17 11.27 14.92
N GLY B 123 16.67 12.15 15.79
CA GLY B 123 16.18 11.71 17.08
C GLY B 123 15.09 10.65 16.99
N LYS B 124 14.26 10.72 15.95
CA LYS B 124 13.15 9.76 15.79
C LYS B 124 13.66 8.33 15.60
N VAL B 125 14.70 8.14 14.80
CA VAL B 125 15.23 6.80 14.58
C VAL B 125 16.14 6.38 15.72
N LEU B 126 16.89 7.34 16.27
CA LEU B 126 17.75 7.04 17.42
C LEU B 126 16.93 6.52 18.59
N ASN B 127 15.76 7.10 18.81
CA ASN B 127 14.90 6.67 19.91
C ASN B 127 14.53 5.19 19.78
N GLU B 128 14.09 4.78 18.58
CA GLU B 128 13.75 3.37 18.40
C GLU B 128 14.96 2.47 18.58
N VAL B 129 16.13 2.93 18.15
CA VAL B 129 17.34 2.14 18.32
C VAL B 129 17.69 1.98 19.80
N ILE B 130 17.66 3.10 20.54
CA ILE B 130 18.02 3.05 21.95
C ILE B 130 17.04 2.17 22.72
N ILE B 131 15.74 2.29 22.43
CA ILE B 131 14.76 1.41 23.08
C ILE B 131 15.02 -0.04 22.72
N THR B 132 15.31 -0.32 21.44
CA THR B 132 15.57 -1.69 21.02
C THR B 132 16.77 -2.29 21.76
N MET B 133 17.78 -1.48 22.08
CA MET B 133 18.89 -1.94 22.91
C MET B 133 18.39 -2.55 24.22
N ASP B 134 17.34 -1.98 24.79
CA ASP B 134 16.75 -2.50 26.02
C ASP B 134 15.83 -3.68 25.74
N SER B 135 14.89 -3.51 24.79
CA SER B 135 13.92 -4.55 24.47
C SER B 135 14.57 -5.86 24.05
N ALA B 136 15.74 -5.80 23.45
CA ALA B 136 16.40 -7.00 22.96
C ALA B 136 17.35 -7.61 23.98
N GLY B 137 17.33 -7.15 25.23
CA GLY B 137 18.24 -7.62 26.26
C GLY B 137 19.70 -7.40 25.93
N LEU B 138 20.03 -6.27 25.30
CA LEU B 138 21.40 -6.02 24.88
C LEU B 138 22.07 -4.95 25.74
N GLN B 139 21.55 -4.71 26.94
CA GLN B 139 22.03 -3.59 27.75
C GLN B 139 23.51 -3.71 28.08
N HIS B 140 24.05 -4.94 28.10
CA HIS B 140 25.44 -5.18 28.45
C HIS B 140 26.40 -4.75 27.35
N ALA B 141 25.90 -4.64 26.12
CA ALA B 141 26.71 -4.38 24.94
C ALA B 141 26.91 -2.89 24.64
N TYR B 142 26.20 -1.95 25.27
CA TYR B 142 26.26 -0.56 24.81
C TYR B 142 26.54 0.43 25.93
N LEU B 143 27.24 0.01 26.97
CA LEU B 143 27.56 0.93 28.06
C LEU B 143 28.43 2.09 27.59
N ASP B 144 29.29 1.87 26.61
CA ASP B 144 30.11 2.98 26.14
C ASP B 144 29.28 3.96 25.32
N VAL B 145 28.23 3.46 24.65
CA VAL B 145 27.27 4.35 24.00
C VAL B 145 26.57 5.20 25.05
N VAL B 146 26.10 4.57 26.14
CA VAL B 146 25.46 5.35 27.20
C VAL B 146 26.42 6.42 27.71
N THR B 147 27.70 6.06 27.88
CA THR B 147 28.70 7.03 28.33
C THR B 147 28.94 8.13 27.29
N GLN B 148 28.95 7.79 26.00
CA GLN B 148 29.20 8.83 24.99
C GLN B 148 28.07 9.86 24.98
N TRP B 149 26.83 9.38 24.96
CA TRP B 149 25.70 10.31 24.92
C TRP B 149 25.69 11.22 26.14
N LEU B 150 25.99 10.67 27.32
CA LEU B 150 26.01 11.50 28.51
C LEU B 150 27.15 12.51 28.45
N THR B 151 28.26 12.15 27.81
CA THR B 151 29.38 13.06 27.67
C THR B 151 29.16 14.11 26.58
N ARG B 152 28.54 13.73 25.46
CA ARG B 152 28.42 14.64 24.34
C ARG B 152 27.25 15.60 24.48
N TRP B 153 26.27 15.24 25.32
CA TRP B 153 25.06 16.03 25.47
C TRP B 153 25.37 17.50 25.77
N ASN B 154 24.61 18.40 25.14
CA ASN B 154 24.80 19.82 25.39
C ASN B 154 23.50 20.56 25.09
N ALA B 155 23.56 21.89 25.25
CA ALA B 155 22.39 22.74 25.08
C ALA B 155 21.82 22.65 23.67
N GLN B 156 22.66 22.34 22.67
CA GLN B 156 22.15 22.29 21.31
C GLN B 156 21.37 21.00 21.05
N TYR B 157 21.84 19.85 21.57
CA TYR B 157 21.02 18.64 21.53
C TYR B 157 19.71 18.84 22.28
N ALA B 158 19.79 19.51 23.43
CA ALA B 158 18.63 19.70 24.30
C ALA B 158 17.51 20.50 23.65
N GLU B 159 17.78 21.26 22.59
CA GLU B 159 16.70 22.04 22.00
C GLU B 159 15.68 21.15 21.30
N HIS B 160 16.04 19.92 20.93
CA HIS B 160 15.15 19.07 20.14
C HIS B 160 14.42 18.08 21.05
N TRP B 161 13.08 18.12 21.00
CA TRP B 161 12.27 17.22 21.79
C TRP B 161 12.65 15.76 21.54
N TYR B 162 12.78 15.39 20.27
CA TYR B 162 13.01 13.98 19.96
C TYR B 162 14.41 13.54 20.35
N MET B 163 15.37 14.46 20.43
CA MET B 163 16.66 14.09 20.98
C MET B 163 16.57 13.85 22.48
N ARG B 164 15.91 14.75 23.22
CA ARG B 164 15.72 14.54 24.65
C ARG B 164 15.04 13.20 24.90
N ASN B 165 13.97 12.94 24.15
CA ASN B 165 13.24 11.68 24.27
C ASN B 165 14.12 10.48 23.96
N ALA B 166 14.93 10.59 22.90
CA ALA B 166 15.79 9.48 22.49
C ALA B 166 16.86 9.20 23.54
N VAL B 167 17.65 10.22 23.87
CA VAL B 167 18.78 10.02 24.77
C VAL B 167 18.32 9.67 26.18
N ASN B 168 17.12 10.10 26.57
CA ASN B 168 16.56 9.68 27.85
C ASN B 168 16.45 8.15 27.96
N GLY B 169 16.40 7.44 26.83
CA GLY B 169 16.31 6.00 26.86
C GLY B 169 17.56 5.31 27.38
N VAL B 170 18.69 6.01 27.49
CA VAL B 170 19.84 5.35 28.07
C VAL B 170 19.58 5.00 29.51
N PHE B 171 18.80 5.83 30.22
CA PHE B 171 18.57 5.55 31.64
C PHE B 171 17.65 4.35 31.81
N THR B 172 16.67 4.17 30.94
CA THR B 172 15.87 2.95 31.00
C THR B 172 16.72 1.74 30.65
N LEU B 173 17.75 1.94 29.84
CA LEU B 173 18.67 0.86 29.53
C LEU B 173 19.44 0.43 30.77
N LEU B 174 19.92 1.39 31.56
CA LEU B 174 20.58 1.04 32.82
C LEU B 174 19.61 0.34 33.78
N PHE B 175 18.38 0.84 33.86
CA PHE B 175 17.36 0.22 34.69
C PHE B 175 17.10 -1.23 34.27
N GLY B 176 16.90 -1.46 32.97
CA GLY B 176 16.65 -2.81 32.51
C GLY B 176 17.83 -3.74 32.70
N GLY B 177 19.04 -3.19 32.76
CA GLY B 177 20.22 -4.02 32.92
C GLY B 177 20.23 -4.84 34.20
N GLN B 178 19.39 -4.46 35.17
CA GLN B 178 19.35 -5.15 36.46
C GLN B 178 19.02 -6.63 36.30
N TRP B 179 18.27 -6.99 35.26
CA TRP B 179 17.88 -8.36 34.96
C TRP B 179 18.69 -8.98 33.83
N ASN B 180 19.89 -8.45 33.59
CA ASN B 180 20.77 -8.92 32.53
C ASN B 180 22.06 -9.34 33.23
N ASN B 181 22.33 -10.65 33.26
CA ASN B 181 23.46 -11.18 34.01
C ASN B 181 24.79 -10.76 33.39
N GLN B 182 24.84 -10.60 32.06
CA GLN B 182 26.02 -9.99 31.48
C GLN B 182 26.19 -8.57 32.00
N TYR B 183 25.10 -7.82 32.09
CA TYR B 183 25.21 -6.43 32.54
C TYR B 183 25.69 -6.36 33.97
N THR B 184 25.00 -7.07 34.89
CA THR B 184 25.39 -7.06 36.30
C THR B 184 26.78 -7.65 36.51
N SER B 185 27.25 -8.51 35.61
CA SER B 185 28.63 -8.98 35.73
C SER B 185 29.64 -7.92 35.33
N LEU B 186 29.23 -6.95 34.52
CA LEU B 186 30.07 -5.92 33.92
C LEU B 186 29.98 -4.56 34.60
N ILE B 187 28.82 -4.23 35.18
CA ILE B 187 28.55 -2.85 35.58
C ILE B 187 29.49 -2.38 36.66
N GLY B 188 30.03 -3.30 37.47
CA GLY B 188 30.86 -2.87 38.57
C GLY B 188 32.19 -2.31 38.16
N GLU B 189 32.57 -2.45 36.89
CA GLU B 189 33.83 -1.92 36.39
C GLU B 189 33.65 -0.62 35.58
N GLN B 190 32.41 -0.16 35.38
CA GLN B 190 32.13 0.94 34.44
C GLN B 190 32.31 2.31 35.13
N THR B 191 33.57 2.64 35.40
CA THR B 191 33.87 3.91 36.08
C THR B 191 33.60 5.11 35.15
N ALA B 192 33.90 4.99 33.86
CA ALA B 192 33.64 6.09 32.93
C ALA B 192 32.15 6.40 32.87
N LEU B 193 31.31 5.35 32.92
CA LEU B 193 29.87 5.55 32.96
C LEU B 193 29.45 6.32 34.20
N VAL B 194 30.01 5.95 35.36
CA VAL B 194 29.67 6.58 36.63
C VAL B 194 30.08 8.04 36.62
N THR B 195 31.28 8.33 36.12
CA THR B 195 31.69 9.72 35.98
C THR B 195 30.74 10.51 35.07
N ALA B 196 30.35 9.93 33.94
CA ALA B 196 29.49 10.65 33.01
C ALA B 196 28.11 10.85 33.61
N LEU B 197 27.62 9.84 34.33
CA LEU B 197 26.36 9.95 35.05
C LEU B 197 26.42 11.05 36.08
N GLN B 198 27.53 11.11 36.83
N GLN B 198 27.51 11.07 36.87
CA GLN B 198 27.69 12.12 37.87
CA GLN B 198 27.79 12.12 37.85
C GLN B 198 27.67 13.53 37.27
C GLN B 198 27.62 13.48 37.22
N ALA B 199 28.51 13.78 36.27
CA ALA B 199 28.58 15.10 35.66
C ALA B 199 27.25 15.51 35.06
N PHE B 200 26.56 14.57 34.39
CA PHE B 200 25.29 14.88 33.74
C PHE B 200 24.28 15.39 34.76
N ALA B 201 24.15 14.67 35.88
CA ALA B 201 23.18 15.04 36.91
C ALA B 201 23.55 16.35 37.61
N LEU B 202 24.84 16.67 37.73
CA LEU B 202 25.30 17.84 38.48
C LEU B 202 25.34 19.11 37.64
N ASP B 203 24.88 19.04 36.41
CA ASP B 203 24.87 20.18 35.50
C ASP B 203 23.73 21.12 35.92
N ARG B 204 24.08 22.18 36.66
CA ARG B 204 23.07 23.07 37.23
CA ARG B 204 23.07 23.08 37.22
C ARG B 204 22.20 23.73 36.15
N THR B 205 22.72 23.91 34.94
CA THR B 205 21.92 24.54 33.90
C THR B 205 20.70 23.71 33.49
N LYS B 206 20.61 22.43 33.87
CA LYS B 206 19.42 21.67 33.55
C LYS B 206 18.25 22.00 34.47
N VAL B 207 18.54 22.57 35.64
CA VAL B 207 17.49 22.86 36.61
C VAL B 207 16.52 23.89 36.04
N ASN B 208 15.23 23.65 36.21
CA ASN B 208 14.15 24.50 35.72
C ASN B 208 14.12 24.57 34.20
N SER B 209 14.71 23.60 33.52
CA SER B 209 14.79 23.56 32.07
C SER B 209 14.05 22.34 31.55
N PRO B 210 13.86 22.20 30.24
CA PRO B 210 13.19 21.00 29.73
C PRO B 210 13.97 19.71 29.94
N THR B 211 15.24 19.78 30.35
CA THR B 211 16.06 18.60 30.54
C THR B 211 16.30 18.26 32.02
N GLU B 212 15.62 18.95 32.93
CA GLU B 212 15.76 18.60 34.33
C GLU B 212 15.35 17.15 34.57
N PHE B 213 14.34 16.68 33.84
CA PHE B 213 13.86 15.32 34.06
C PHE B 213 14.92 14.30 33.69
N MET B 214 15.77 14.61 32.71
CA MET B 214 16.90 13.73 32.40
C MET B 214 17.95 13.76 33.49
N ALA B 215 18.23 14.94 34.07
CA ALA B 215 19.16 15.01 35.19
C ALA B 215 18.66 14.20 36.37
N ALA B 216 17.35 14.29 36.67
CA ALA B 216 16.78 13.50 37.75
C ALA B 216 16.87 12.01 37.45
N ASN B 217 16.65 11.63 36.19
CA ASN B 217 16.81 10.23 35.80
C ASN B 217 18.25 9.76 35.96
N ALA B 218 19.23 10.57 35.54
CA ALA B 218 20.63 10.20 35.77
C ALA B 218 20.90 10.00 37.26
N ALA B 219 20.39 10.91 38.09
CA ALA B 219 20.60 10.77 39.53
C ALA B 219 19.99 9.47 40.03
N ARG B 220 18.80 9.11 39.54
CA ARG B 220 18.16 7.87 39.94
C ARG B 220 19.01 6.67 39.56
N GLU B 221 19.43 6.59 38.29
CA GLU B 221 20.24 5.45 37.88
C GLU B 221 21.55 5.39 38.64
N LEU B 222 22.14 6.55 38.94
CA LEU B 222 23.35 6.58 39.76
C LEU B 222 23.10 5.95 41.13
N GLY B 223 21.97 6.30 41.76
CA GLY B 223 21.68 5.79 43.10
C GLY B 223 21.46 4.29 43.12
N ARG B 224 20.90 3.74 42.04
CA ARG B 224 20.77 2.30 41.90
C ARG B 224 22.14 1.63 41.92
N LEU B 225 23.17 2.33 41.43
CA LEU B 225 24.50 1.73 41.39
C LEU B 225 25.15 1.61 42.76
N ALA B 226 24.59 2.22 43.81
CA ALA B 226 25.11 1.96 45.15
C ALA B 226 24.88 0.51 45.56
N ARG B 227 24.05 -0.21 44.80
CA ARG B 227 23.84 -1.63 45.02
CA ARG B 227 23.83 -1.64 45.00
C ARG B 227 25.15 -2.40 45.08
N TYR B 228 26.14 -1.99 44.27
CA TYR B 228 27.39 -2.73 44.11
C TYR B 228 28.42 -2.23 45.11
N THR B 229 28.28 -2.69 46.36
CA THR B 229 28.95 -2.05 47.48
C THR B 229 30.46 -2.25 47.48
N ASP B 230 30.96 -3.35 46.89
CA ASP B 230 32.39 -3.61 46.91
C ASP B 230 33.07 -3.47 45.56
N ALA B 231 32.34 -3.05 44.52
CA ALA B 231 32.86 -3.06 43.17
C ALA B 231 33.86 -1.93 42.99
N THR B 232 34.62 -2.01 41.89
CA THR B 232 35.56 -0.95 41.53
C THR B 232 34.88 0.41 41.49
N ILE B 233 33.65 0.47 40.96
CA ILE B 233 32.95 1.75 40.81
C ILE B 233 32.46 2.33 42.13
N ALA B 234 32.51 1.57 43.23
CA ALA B 234 31.83 1.98 44.45
C ALA B 234 32.29 3.31 45.02
N PRO B 235 33.60 3.64 45.07
CA PRO B 235 33.97 4.97 45.58
C PRO B 235 33.50 6.11 44.68
N LYS B 236 33.52 5.93 43.36
CA LYS B 236 33.04 7.00 42.49
C LYS B 236 31.53 7.13 42.57
N VAL B 237 30.82 6.02 42.74
CA VAL B 237 29.38 6.08 42.96
C VAL B 237 29.08 6.90 44.21
N THR B 238 29.71 6.52 45.32
CA THR B 238 29.48 7.20 46.59
C THR B 238 29.82 8.68 46.49
N GLU B 239 30.98 9.00 45.91
CA GLU B 239 31.37 10.40 45.83
C GLU B 239 30.41 11.18 44.92
N GLY B 240 29.96 10.57 43.82
CA GLY B 240 29.01 11.24 42.94
C GLY B 240 27.69 11.51 43.63
N LEU B 241 27.19 10.51 44.38
CA LEU B 241 25.96 10.71 45.14
C LEU B 241 26.13 11.82 46.16
N THR B 242 27.25 11.82 46.89
CA THR B 242 27.52 12.87 47.86
C THR B 242 27.51 14.25 47.20
N ALA B 243 28.07 14.36 46.00
CA ALA B 243 28.10 15.64 45.32
C ALA B 243 26.68 16.10 44.98
N ILE B 244 25.82 15.17 44.57
CA ILE B 244 24.43 15.52 44.27
C ILE B 244 23.72 15.99 45.52
N PHE B 245 23.84 15.22 46.61
CA PHE B 245 23.15 15.58 47.84
C PHE B 245 23.64 16.92 48.40
N GLY B 246 24.89 17.27 48.15
CA GLY B 246 25.40 18.54 48.65
C GLY B 246 25.15 19.73 47.75
N GLN B 247 24.89 19.51 46.46
CA GLN B 247 24.74 20.61 45.52
C GLN B 247 23.29 21.05 45.33
N TYR B 248 22.34 20.12 45.41
CA TYR B 248 20.93 20.39 45.22
C TYR B 248 20.18 20.39 46.55
N PRO B 249 19.03 21.06 46.62
CA PRO B 249 18.22 21.00 47.83
C PRO B 249 17.33 19.78 47.85
N SER B 250 16.96 19.35 49.06
CA SER B 250 15.93 18.33 49.18
C SER B 250 14.54 18.90 48.94
N TYR B 251 14.35 20.20 49.12
CA TYR B 251 13.13 20.90 48.74
C TYR B 251 13.53 22.19 48.05
N GLY B 252 13.10 22.37 46.80
CA GLY B 252 13.37 23.59 46.07
C GLY B 252 13.74 23.28 44.63
N ASP B 253 14.42 24.24 43.99
CA ASP B 253 14.79 24.07 42.60
C ASP B 253 15.79 22.93 42.45
N GLY B 254 15.48 21.97 41.60
CA GLY B 254 16.33 20.82 41.41
C GLY B 254 16.13 19.71 42.42
N ASP B 255 15.18 19.85 43.35
CA ASP B 255 15.01 18.79 44.33
C ASP B 255 14.57 17.47 43.68
N ALA B 256 14.04 17.53 42.45
CA ALA B 256 13.74 16.30 41.73
C ALA B 256 14.99 15.47 41.51
N ILE B 257 16.14 16.13 41.36
CA ILE B 257 17.39 15.42 41.20
C ILE B 257 17.85 14.86 42.53
N TRP B 258 17.86 15.70 43.57
CA TRP B 258 18.14 15.26 44.94
C TRP B 258 17.28 14.06 45.32
N LEU B 259 15.96 14.20 45.19
CA LEU B 259 15.06 13.14 45.63
C LEU B 259 15.16 11.90 44.74
N GLY B 260 15.40 12.07 43.45
CA GLY B 260 15.63 10.91 42.60
C GLY B 260 16.80 10.08 43.08
N ALA B 261 17.92 10.72 43.40
CA ALA B 261 19.07 10.01 43.94
C ALA B 261 18.71 9.36 45.27
N ALA B 262 18.08 10.14 46.17
CA ALA B 262 17.73 9.63 47.49
C ALA B 262 16.87 8.39 47.40
N ASP B 263 15.95 8.37 46.43
CA ASP B 263 14.98 7.28 46.33
C ASP B 263 15.68 5.94 46.15
N THR B 264 16.57 5.83 45.17
CA THR B 264 17.22 4.56 44.88
C THR B 264 18.41 4.31 45.80
N ALA B 265 19.16 5.36 46.15
CA ALA B 265 20.33 5.17 47.00
C ALA B 265 19.92 4.62 48.37
N SER B 266 18.94 5.25 49.01
CA SER B 266 18.50 4.80 50.33
C SER B 266 17.91 3.40 50.29
N TYR B 267 17.48 2.93 49.12
CA TYR B 267 17.03 1.55 49.01
C TYR B 267 18.19 0.56 49.04
N TYR B 268 19.32 0.91 48.44
CA TYR B 268 20.46 -0.01 48.36
C TYR B 268 21.58 0.31 49.32
N ALA B 269 21.49 1.42 50.06
CA ALA B 269 22.48 1.74 51.07
C ALA B 269 21.75 2.47 52.19
N ASP B 270 22.52 2.87 53.19
CA ASP B 270 21.93 3.53 54.35
C ASP B 270 22.12 5.03 54.23
N CYS B 271 21.14 5.79 54.70
CA CYS B 271 21.20 7.25 54.58
C CYS B 271 22.43 7.83 55.28
N SER B 272 23.05 7.08 56.21
CA SER B 272 24.21 7.61 56.92
C SER B 272 25.44 7.66 56.04
N GLN B 273 25.49 6.80 55.01
CA GLN B 273 26.56 6.88 54.01
C GLN B 273 26.67 8.28 53.42
N PHE B 274 25.54 8.97 53.28
CA PHE B 274 25.51 10.29 52.64
C PHE B 274 25.06 11.40 53.57
N ASN B 275 24.84 11.11 54.86
CA ASN B 275 24.48 12.13 55.84
C ASN B 275 23.15 12.81 55.49
N ILE B 276 22.20 12.02 55.01
CA ILE B 276 20.86 12.51 54.70
C ILE B 276 19.80 11.84 55.58
N CYS B 277 20.19 11.26 56.71
CA CYS B 277 19.22 10.63 57.59
C CYS B 277 18.30 11.65 58.22
N GLY B 278 17.01 11.33 58.25
CA GLY B 278 16.01 12.26 58.76
C GLY B 278 15.76 13.48 57.89
N PHE B 279 16.00 13.39 56.58
CA PHE B 279 15.61 14.49 55.72
C PHE B 279 14.08 14.61 55.61
N GLU B 280 13.36 13.51 55.83
CA GLU B 280 11.91 13.52 55.62
C GLU B 280 11.20 14.50 56.55
N ASP B 281 11.77 14.74 57.73
CA ASP B 281 11.13 15.66 58.67
C ASP B 281 11.27 17.11 58.21
N ALA B 282 12.48 17.50 57.81
CA ALA B 282 12.65 18.81 57.23
C ALA B 282 11.85 18.93 55.94
N LEU B 283 11.77 17.84 55.19
CA LEU B 283 10.97 17.86 53.97
C LEU B 283 9.49 18.08 54.27
N ARG B 284 8.95 17.38 55.27
CA ARG B 284 7.55 17.58 55.66
C ARG B 284 7.28 19.02 56.05
N ASP B 285 8.24 19.63 56.74
CA ASP B 285 8.08 21.00 57.19
C ASP B 285 8.15 21.99 56.03
N ALA B 286 9.07 21.77 55.09
CA ALA B 286 9.21 22.68 53.97
C ALA B 286 8.07 22.53 52.98
N ALA B 287 7.70 21.28 52.65
CA ALA B 287 6.71 21.04 51.61
C ALA B 287 5.29 21.34 52.09
N LEU B 288 4.96 21.00 53.33
CA LEU B 288 3.62 21.26 53.88
C LEU B 288 3.72 22.37 54.92
N ASN B 289 3.99 23.59 54.43
CA ASN B 289 4.36 24.73 55.25
C ASN B 289 3.17 25.57 55.70
N GLN B 290 1.99 25.32 55.17
CA GLN B 290 0.80 26.01 55.63
C GLN B 290 0.07 25.17 56.66
N THR B 291 -0.64 25.85 57.54
CA THR B 291 -1.53 25.22 58.50
C THR B 291 -2.83 26.00 58.51
N PHE B 292 -3.94 25.31 58.33
CA PHE B 292 -5.25 25.93 58.42
C PHE B 292 -6.13 25.07 59.30
N ILE B 293 -6.64 25.66 60.38
CA ILE B 293 -7.44 24.93 61.35
C ILE B 293 -8.91 25.08 60.95
N CYS B 294 -9.46 24.04 60.29
N CYS B 294 -9.47 24.04 60.34
CA CYS B 294 -10.88 24.04 59.95
CA CYS B 294 -10.88 24.06 59.95
C CYS B 294 -11.77 24.10 61.19
C CYS B 294 -11.79 24.07 61.17
N SER B 295 -11.42 23.32 62.21
CA SER B 295 -12.28 23.08 63.36
C SER B 295 -11.44 22.31 64.37
N ASP B 296 -12.03 22.01 65.53
CA ASP B 296 -11.25 21.19 66.45
C ASP B 296 -11.19 19.72 66.03
N THR B 297 -11.80 19.31 64.91
CA THR B 297 -11.62 17.95 64.44
C THR B 297 -10.90 17.82 63.09
N ILE B 298 -10.67 18.91 62.35
CA ILE B 298 -9.97 18.84 61.07
C ILE B 298 -8.93 19.97 60.98
N LYS B 299 -7.68 19.61 60.74
CA LYS B 299 -6.63 20.58 60.42
C LYS B 299 -6.04 20.24 59.05
N ILE B 300 -5.68 21.28 58.32
CA ILE B 300 -5.04 21.14 57.03
C ILE B 300 -3.57 21.54 57.13
N ARG B 301 -2.70 20.72 56.56
CA ARG B 301 -1.33 21.11 56.26
C ARG B 301 -1.17 21.07 54.74
N SER B 302 -0.70 22.17 54.15
CA SER B 302 -0.70 22.25 52.69
C SER B 302 0.52 23.00 52.17
N GLN B 303 0.80 22.77 50.89
CA GLN B 303 1.98 23.33 50.26
C GLN B 303 1.75 24.78 49.82
N ASP B 304 0.65 25.04 49.12
CA ASP B 304 0.40 26.37 48.59
C ASP B 304 -1.06 26.56 48.20
N MET B 305 -1.95 26.67 49.17
CA MET B 305 -3.36 26.93 48.90
C MET B 305 -3.72 28.35 49.31
N SER B 306 -4.77 28.87 48.70
CA SER B 306 -5.22 30.19 49.09
C SER B 306 -6.14 30.07 50.31
N GLN B 307 -6.38 31.21 50.96
CA GLN B 307 -7.33 31.22 52.05
C GLN B 307 -8.71 30.78 51.58
N ALA B 308 -9.10 31.16 50.35
CA ALA B 308 -10.40 30.77 49.85
C ALA B 308 -10.50 29.27 49.61
N GLN B 309 -9.40 28.62 49.22
CA GLN B 309 -9.42 27.17 49.04
C GLN B 309 -9.55 26.46 50.38
N HIS B 310 -8.75 26.89 51.37
CA HIS B 310 -8.88 26.35 52.73
C HIS B 310 -10.33 26.38 53.21
N LEU B 311 -10.97 27.55 53.12
N LEU B 311 -10.96 27.55 53.11
CA LEU B 311 -12.34 27.68 53.61
CA LEU B 311 -12.34 27.68 53.61
C LEU B 311 -13.28 26.77 52.83
C LEU B 311 -13.30 26.79 52.83
N ALA B 312 -13.12 26.70 51.52
CA ALA B 312 -14.00 25.85 50.72
C ALA B 312 -13.75 24.38 51.04
N ALA B 313 -12.52 24.01 51.34
CA ALA B 313 -12.27 22.60 51.69
C ALA B 313 -12.85 22.28 53.06
N CYS B 314 -12.65 23.17 54.03
CA CYS B 314 -13.25 22.99 55.34
CA CYS B 314 -13.25 22.99 55.34
C CYS B 314 -14.76 22.85 55.25
N ASP B 315 -15.40 23.75 54.49
CA ASP B 315 -16.85 23.75 54.37
C ASP B 315 -17.36 22.50 53.67
N LYS B 316 -16.63 22.03 52.66
CA LYS B 316 -17.09 20.87 51.93
C LYS B 316 -17.01 19.61 52.80
N MET B 317 -15.97 19.51 53.64
CA MET B 317 -15.87 18.36 54.53
C MET B 317 -16.95 18.41 55.59
N ALA B 318 -17.23 19.60 56.12
CA ALA B 318 -18.36 19.76 57.03
C ALA B 318 -19.67 19.35 56.37
N TYR B 319 -19.86 19.68 55.10
CA TYR B 319 -21.06 19.23 54.42
C TYR B 319 -21.09 17.72 54.31
N GLU B 320 -20.01 17.12 53.81
CA GLU B 320 -19.98 15.68 53.59
C GLU B 320 -20.17 14.92 54.89
N GLU B 321 -19.60 15.42 55.98
CA GLU B 321 -19.76 14.79 57.28
C GLU B 321 -21.25 14.58 57.61
N SER B 322 -22.05 15.65 57.53
CA SER B 322 -23.44 15.49 57.94
C SER B 322 -24.19 14.63 56.95
N PHE B 323 -23.87 14.74 55.66
CA PHE B 323 -24.55 13.91 54.69
C PHE B 323 -24.16 12.44 54.87
N PHE B 324 -22.91 12.19 55.25
CA PHE B 324 -22.48 10.82 55.51
C PHE B 324 -23.25 10.23 56.68
N HIS B 325 -23.33 10.94 57.81
CA HIS B 325 -23.96 10.36 58.99
C HIS B 325 -25.46 10.12 58.77
N THR B 326 -26.11 10.99 58.00
CA THR B 326 -27.50 10.79 57.64
C THR B 326 -27.66 9.55 56.75
N THR B 327 -26.82 9.43 55.72
CA THR B 327 -27.00 8.34 54.77
C THR B 327 -26.64 6.99 55.38
N LEU B 328 -25.60 6.94 56.22
CA LEU B 328 -25.16 5.67 56.79
C LEU B 328 -25.91 5.29 58.04
N GLU B 329 -26.75 6.19 58.58
CA GLU B 329 -27.54 5.93 59.77
C GLU B 329 -26.61 5.52 60.94
N THR B 330 -25.57 6.34 61.14
CA THR B 330 -24.57 6.10 62.18
C THR B 330 -25.04 6.46 63.57
N GLY B 331 -26.04 7.34 63.68
CA GLY B 331 -26.28 7.95 64.96
C GLY B 331 -25.09 8.71 65.52
N ASN B 332 -24.11 9.05 64.67
CA ASN B 332 -22.84 9.65 65.11
C ASN B 332 -22.15 8.79 66.17
N GLN B 333 -22.40 7.48 66.15
CA GLN B 333 -21.74 6.57 67.07
C GLN B 333 -20.58 5.89 66.34
N PRO B 334 -19.34 6.12 66.73
CA PRO B 334 -18.23 5.43 66.07
C PRO B 334 -18.21 3.98 66.47
N VAL B 335 -17.41 3.20 65.75
CA VAL B 335 -17.14 1.83 66.14
C VAL B 335 -16.34 1.87 67.44
N ALA B 336 -16.26 0.74 68.13
CA ALA B 336 -15.50 0.67 69.37
C ALA B 336 -14.01 0.69 69.07
N ASP B 337 -13.24 1.05 70.10
CA ASP B 337 -11.79 1.03 70.04
C ASP B 337 -11.24 1.93 68.94
N ASP B 338 -11.91 3.08 68.75
CA ASP B 338 -11.56 4.04 67.72
C ASP B 338 -11.58 5.43 68.35
N HIS B 339 -10.40 6.02 68.52
CA HIS B 339 -10.25 7.36 69.09
C HIS B 339 -9.94 8.42 68.04
N ASN B 340 -10.27 8.16 66.77
CA ASN B 340 -9.86 9.00 65.63
C ASN B 340 -10.84 10.16 65.43
N THR B 341 -11.02 10.95 66.49
CA THR B 341 -11.93 12.08 66.42
C THR B 341 -11.36 13.21 65.56
N GLN B 342 -10.04 13.32 65.49
CA GLN B 342 -9.33 14.37 64.80
C GLN B 342 -8.67 13.83 63.54
N LEU B 343 -8.65 14.64 62.48
CA LEU B 343 -8.07 14.26 61.19
C LEU B 343 -7.07 15.31 60.75
N GLN B 344 -5.96 14.87 60.14
CA GLN B 344 -5.03 15.81 59.49
C GLN B 344 -5.11 15.60 57.99
N VAL B 345 -5.34 16.68 57.26
CA VAL B 345 -5.49 16.66 55.81
C VAL B 345 -4.24 17.30 55.21
N ASN B 346 -3.53 16.56 54.36
CA ASN B 346 -2.26 17.02 53.77
C ASN B 346 -2.42 17.17 52.27
N ILE B 347 -2.19 18.39 51.76
CA ILE B 347 -2.53 18.76 50.38
C ILE B 347 -1.30 19.38 49.73
N PHE B 348 -0.73 18.69 48.75
CA PHE B 348 0.36 19.20 47.96
C PHE B 348 -0.16 20.06 46.80
N ASN B 349 0.76 20.79 46.17
CA ASN B 349 0.37 21.77 45.17
C ASN B 349 -0.01 21.15 43.83
N SER B 350 0.39 19.91 43.57
CA SER B 350 0.16 19.26 42.28
C SER B 350 0.50 17.78 42.43
N ASP B 351 0.01 16.99 41.47
CA ASP B 351 0.38 15.58 41.45
C ASP B 351 1.89 15.38 41.37
N THR B 352 2.60 16.29 40.70
CA THR B 352 4.05 16.18 40.61
C THR B 352 4.69 16.29 42.00
N ASP B 353 4.30 17.32 42.77
CA ASP B 353 4.81 17.47 44.13
C ASP B 353 4.47 16.26 44.99
N TYR B 354 3.23 15.76 44.86
CA TYR B 354 2.80 14.56 45.56
C TYR B 354 3.72 13.38 45.23
N GLY B 355 3.98 13.17 43.94
CA GLY B 355 4.90 12.10 43.54
C GLY B 355 6.28 12.26 44.14
N LYS B 356 6.76 13.50 44.25
CA LYS B 356 8.10 13.77 44.77
C LYS B 356 8.18 13.59 46.29
N TYR B 357 7.17 14.09 47.03
CA TYR B 357 7.34 14.38 48.44
C TYR B 357 6.59 13.45 49.36
N ALA B 358 5.44 12.94 48.91
CA ALA B 358 4.58 12.13 49.77
C ALA B 358 5.21 10.77 50.07
N GLY B 359 5.94 10.21 49.12
CA GLY B 359 6.66 8.98 49.35
C GLY B 359 7.58 9.08 50.54
N PRO B 360 8.56 9.98 50.46
CA PRO B 360 9.45 10.16 51.61
C PRO B 360 8.72 10.59 52.88
N ILE B 361 7.82 11.56 52.80
CA ILE B 361 7.21 12.07 54.02
C ILE B 361 6.33 11.02 54.69
N PHE B 362 5.40 10.42 53.94
CA PHE B 362 4.40 9.55 54.54
C PHE B 362 4.70 8.05 54.37
N GLY B 363 5.67 7.68 53.53
CA GLY B 363 5.97 6.26 53.34
C GLY B 363 4.98 5.51 52.49
N ILE B 364 4.38 6.17 51.50
CA ILE B 364 3.29 5.62 50.70
C ILE B 364 3.76 5.48 49.26
N ASP B 365 3.02 4.68 48.49
CA ASP B 365 3.10 4.76 47.03
C ASP B 365 2.33 5.98 46.55
N THR B 366 2.86 6.64 45.52
CA THR B 366 2.25 7.86 44.99
C THR B 366 1.77 7.68 43.55
N ASN B 367 1.59 6.44 43.09
CA ASN B 367 0.99 6.18 41.79
C ASN B 367 -0.52 6.03 41.91
N ASN B 368 -1.17 7.10 42.35
CA ASN B 368 -2.61 7.08 42.63
C ASN B 368 -3.12 8.50 42.75
N GLY B 369 -4.41 8.64 43.02
CA GLY B 369 -5.04 9.94 43.15
C GLY B 369 -5.18 10.47 44.56
N GLY B 370 -4.50 9.88 45.54
CA GLY B 370 -4.62 10.26 46.94
C GLY B 370 -4.55 9.04 47.82
N MET B 371 -4.46 9.21 49.15
CA MET B 371 -4.21 8.10 50.06
C MET B 371 -4.72 8.45 51.45
N TYR B 372 -5.45 7.54 52.08
CA TYR B 372 -5.90 7.71 53.46
C TYR B 372 -5.20 6.70 54.38
N LEU B 373 -4.64 7.19 55.48
CA LEU B 373 -3.87 6.38 56.43
C LEU B 373 -4.54 6.46 57.80
N GLU B 374 -5.34 5.45 58.11
CA GLU B 374 -6.06 5.38 59.39
C GLU B 374 -5.13 5.27 60.59
N GLY B 375 -3.89 4.82 60.41
CA GLY B 375 -3.14 4.52 61.63
C GLY B 375 -3.81 3.46 62.48
N ASN B 376 -3.54 3.51 63.80
CA ASN B 376 -4.14 2.59 64.75
C ASN B 376 -5.24 3.30 65.53
N PRO B 377 -6.51 3.07 65.21
CA PRO B 377 -7.59 3.79 65.91
C PRO B 377 -7.60 3.55 67.41
N ALA B 378 -7.15 2.38 67.87
CA ALA B 378 -7.14 2.06 69.29
C ALA B 378 -6.15 2.91 70.08
N ASN B 379 -5.14 3.47 69.42
CA ASN B 379 -4.11 4.23 70.12
C ASN B 379 -4.67 5.57 70.57
N VAL B 380 -4.59 5.84 71.87
CA VAL B 380 -4.94 7.17 72.35
C VAL B 380 -3.96 8.18 71.78
N GLY B 381 -4.47 9.20 71.14
CA GLY B 381 -3.63 10.20 70.50
C GLY B 381 -3.32 9.94 69.04
N ASN B 382 -3.84 8.85 68.47
CA ASN B 382 -3.70 8.62 67.04
C ASN B 382 -4.45 9.72 66.27
N ILE B 383 -3.80 10.25 65.25
CA ILE B 383 -4.44 11.21 64.37
C ILE B 383 -4.27 10.68 62.95
N PRO B 384 -5.34 10.22 62.31
CA PRO B 384 -5.19 9.72 60.94
C PRO B 384 -4.91 10.86 59.99
N ASN B 385 -4.39 10.49 58.82
CA ASN B 385 -3.99 11.42 57.79
C ASN B 385 -4.59 10.98 56.48
N PHE B 386 -5.07 11.92 55.68
CA PHE B 386 -5.13 11.64 54.26
C PHE B 386 -4.28 12.65 53.53
N ILE B 387 -3.83 12.25 52.35
CA ILE B 387 -2.85 12.98 51.57
C ILE B 387 -3.44 13.16 50.19
N ALA B 388 -3.38 14.38 49.65
CA ALA B 388 -4.05 14.71 48.40
C ALA B 388 -3.28 15.82 47.70
N TYR B 389 -3.70 16.16 46.46
CA TYR B 389 -3.04 17.23 45.72
C TYR B 389 -4.07 18.08 44.98
N GLU B 390 -3.74 19.36 44.81
CA GLU B 390 -4.60 20.23 44.02
C GLU B 390 -4.54 19.82 42.56
N ALA B 391 -5.64 20.09 41.86
CA ALA B 391 -5.72 19.81 40.44
C ALA B 391 -6.69 20.80 39.83
N SER B 392 -6.40 21.19 38.59
CA SER B 392 -7.26 22.16 37.90
C SER B 392 -8.63 21.57 37.61
N TYR B 393 -8.72 20.24 37.49
CA TYR B 393 -9.96 19.53 37.19
C TYR B 393 -10.67 19.03 38.45
N ALA B 394 -10.13 19.33 39.63
CA ALA B 394 -10.77 18.95 40.89
C ALA B 394 -12.03 19.78 41.11
N ASN B 395 -12.70 19.56 42.26
CA ASN B 395 -13.96 20.25 42.52
C ASN B 395 -13.71 21.68 42.97
N PRO B 396 -14.38 22.66 42.38
CA PRO B 396 -14.36 24.00 42.96
C PRO B 396 -15.18 24.00 44.24
N ASP B 397 -14.84 24.88 45.17
CA ASP B 397 -13.86 25.95 45.06
C ASP B 397 -12.52 25.58 45.67
N HIS B 398 -12.41 24.37 46.23
CA HIS B 398 -11.13 24.00 46.85
C HIS B 398 -10.12 23.50 45.83
N PHE B 399 -10.57 22.82 44.78
CA PHE B 399 -9.69 22.26 43.75
C PHE B 399 -8.70 21.26 44.32
N VAL B 400 -9.10 20.53 45.34
CA VAL B 400 -8.29 19.45 45.89
C VAL B 400 -8.81 18.14 45.31
N TRP B 401 -7.95 17.47 44.55
CA TRP B 401 -8.35 16.23 43.89
C TRP B 401 -8.67 15.15 44.94
N ASN B 402 -9.85 14.53 44.81
CA ASN B 402 -10.29 13.47 45.72
C ASN B 402 -10.40 13.93 47.17
N LEU B 403 -10.57 15.24 47.40
CA LEU B 403 -10.75 15.70 48.78
C LEU B 403 -11.94 15.01 49.44
N GLU B 404 -13.10 15.06 48.79
CA GLU B 404 -14.29 14.46 49.36
C GLU B 404 -14.19 12.94 49.43
N HIS B 405 -13.50 12.32 48.47
CA HIS B 405 -13.36 10.86 48.43
C HIS B 405 -12.52 10.37 49.60
N GLU B 406 -11.34 10.94 49.78
CA GLU B 406 -10.50 10.60 50.93
C GLU B 406 -11.24 10.87 52.23
N TYR B 407 -11.97 11.99 52.30
CA TYR B 407 -12.66 12.32 53.54
C TYR B 407 -13.67 11.25 53.91
N VAL B 408 -14.36 10.69 52.91
CA VAL B 408 -15.31 9.63 53.22
C VAL B 408 -14.59 8.37 53.70
N HIS B 409 -13.40 8.07 53.15
CA HIS B 409 -12.60 6.97 53.69
C HIS B 409 -12.39 7.10 55.19
N TYR B 410 -12.05 8.31 55.65
CA TYR B 410 -11.90 8.55 57.08
C TYR B 410 -13.20 8.25 57.83
N LEU B 411 -14.33 8.75 57.32
CA LEU B 411 -15.61 8.54 58.01
C LEU B 411 -16.03 7.08 57.99
N ASP B 412 -15.87 6.41 56.85
CA ASP B 412 -16.14 4.98 56.75
C ASP B 412 -15.28 4.19 57.75
N GLY B 413 -13.97 4.47 57.81
CA GLY B 413 -13.08 3.73 58.68
C GLY B 413 -13.44 3.88 60.15
N ARG B 414 -14.04 5.00 60.51
CA ARG B 414 -14.32 5.28 61.91
C ARG B 414 -15.73 4.90 62.33
N PHE B 415 -16.69 4.92 61.40
CA PHE B 415 -18.09 4.71 61.73
C PHE B 415 -18.69 3.44 61.14
N ASN B 416 -18.03 2.83 60.15
CA ASN B 416 -18.56 1.60 59.55
C ASN B 416 -17.67 0.36 59.71
N MET B 417 -16.35 0.52 59.80
CA MET B 417 -15.37 -0.57 59.64
C MET B 417 -14.52 -0.70 60.92
N TYR B 418 -14.87 -1.70 61.74
CA TYR B 418 -14.14 -1.96 62.98
C TYR B 418 -12.66 -2.20 62.68
N GLY B 419 -11.80 -1.75 63.61
CA GLY B 419 -10.38 -2.03 63.52
C GLY B 419 -9.62 -1.22 62.48
N ASP B 420 -8.30 -1.37 62.43
CA ASP B 420 -7.47 -0.59 61.52
C ASP B 420 -7.68 -1.07 60.08
N PHE B 421 -6.87 -0.55 59.15
CA PHE B 421 -7.11 -0.81 57.73
C PHE B 421 -6.98 -2.30 57.39
N GLY B 422 -5.98 -2.98 57.96
CA GLY B 422 -5.72 -4.36 57.65
C GLY B 422 -6.58 -5.37 58.38
N THR B 423 -7.41 -4.93 59.31
CA THR B 423 -8.16 -5.87 60.15
C THR B 423 -9.07 -6.84 59.38
N PRO B 424 -9.81 -6.46 58.33
CA PRO B 424 -10.77 -7.42 57.74
C PRO B 424 -10.08 -8.67 57.22
N THR B 425 -10.77 -9.80 57.37
CA THR B 425 -10.27 -11.07 56.88
C THR B 425 -11.03 -11.52 55.64
N GLU B 426 -11.84 -10.63 55.06
CA GLU B 426 -12.54 -10.80 53.81
C GLU B 426 -12.36 -9.53 52.98
N LEU B 427 -12.65 -9.62 51.68
CA LEU B 427 -12.46 -8.48 50.79
C LEU B 427 -13.51 -7.40 51.05
N VAL B 428 -13.04 -6.18 51.33
CA VAL B 428 -13.91 -5.04 51.55
C VAL B 428 -13.71 -3.94 50.49
N VAL B 429 -12.94 -4.22 49.43
CA VAL B 429 -12.52 -3.17 48.50
C VAL B 429 -13.74 -2.54 47.83
N TRP B 430 -14.66 -3.38 47.33
CA TRP B 430 -15.84 -2.86 46.65
C TRP B 430 -16.61 -1.88 47.53
N TRP B 431 -16.77 -2.20 48.81
CA TRP B 431 -17.52 -1.33 49.70
C TRP B 431 -16.75 -0.06 49.97
N SER B 432 -15.49 -0.19 50.41
CA SER B 432 -14.70 0.97 50.77
C SER B 432 -14.62 1.98 49.63
N GLU B 433 -14.29 1.52 48.43
CA GLU B 433 -14.17 2.46 47.32
C GLU B 433 -15.55 2.88 46.81
N GLY B 434 -16.50 1.94 46.79
CA GLY B 434 -17.85 2.26 46.37
C GLY B 434 -18.52 3.30 47.24
N VAL B 435 -18.38 3.15 48.57
CA VAL B 435 -19.08 4.07 49.47
C VAL B 435 -18.40 5.42 49.44
N ALA B 436 -17.07 5.45 49.28
CA ALA B 436 -16.38 6.73 49.14
C ALA B 436 -16.82 7.43 47.87
N GLU B 437 -17.04 6.68 46.79
CA GLU B 437 -17.53 7.28 45.56
C GLU B 437 -18.99 7.69 45.68
N TYR B 438 -19.82 6.82 46.28
CA TYR B 438 -21.25 7.12 46.30
C TYR B 438 -21.56 8.32 47.17
N VAL B 439 -21.03 8.35 48.39
CA VAL B 439 -21.35 9.47 49.29
C VAL B 439 -20.88 10.81 48.72
N SER B 440 -19.76 10.82 47.98
CA SER B 440 -19.18 12.08 47.53
C SER B 440 -19.74 12.55 46.20
N ARG B 441 -20.24 11.62 45.38
CA ARG B 441 -20.79 11.96 44.08
C ARG B 441 -22.30 11.77 43.99
N VAL B 442 -22.89 11.03 44.93
CA VAL B 442 -24.31 10.67 44.90
C VAL B 442 -24.64 10.19 43.48
N ASN B 443 -25.36 11.00 42.70
CA ASN B 443 -25.84 10.52 41.40
C ASN B 443 -25.07 11.09 40.22
N ASP B 444 -24.08 11.94 40.46
CA ASP B 444 -23.27 12.54 39.41
C ASP B 444 -22.04 11.67 39.20
N ASN B 445 -22.13 10.74 38.26
CA ASN B 445 -21.02 9.83 37.95
C ASN B 445 -21.13 9.37 36.52
N PRO B 446 -20.72 10.20 35.56
CA PRO B 446 -20.86 9.82 34.14
C PRO B 446 -20.04 8.60 33.75
N GLN B 447 -18.83 8.42 34.30
CA GLN B 447 -18.05 7.25 33.90
C GLN B 447 -18.71 5.95 34.35
N ALA B 448 -19.48 5.99 35.43
CA ALA B 448 -20.22 4.80 35.84
C ALA B 448 -21.33 4.47 34.86
N ILE B 449 -22.06 5.49 34.37
CA ILE B 449 -23.06 5.25 33.32
C ILE B 449 -22.39 4.71 32.06
N ALA B 450 -21.24 5.28 31.67
CA ALA B 450 -20.57 4.83 30.46
C ALA B 450 -20.19 3.35 30.54
N THR B 451 -19.68 2.90 31.69
CA THR B 451 -19.20 1.52 31.79
C THR B 451 -20.33 0.49 31.71
N ILE B 452 -21.58 0.92 31.90
CA ILE B 452 -22.72 0.07 31.60
C ILE B 452 -23.00 0.05 30.10
N GLN B 453 -22.99 1.23 29.46
CA GLN B 453 -23.38 1.39 28.07
C GLN B 453 -22.42 0.75 27.09
N ASP B 454 -21.17 0.50 27.49
CA ASP B 454 -20.17 -0.04 26.57
C ASP B 454 -20.22 -1.56 26.45
N GLY B 455 -21.17 -2.23 27.11
CA GLY B 455 -21.36 -3.65 26.94
C GLY B 455 -20.61 -4.55 27.92
N SER B 456 -19.48 -4.09 28.45
CA SER B 456 -18.71 -4.88 29.42
C SER B 456 -19.26 -4.60 30.81
N THR B 457 -19.68 -5.65 31.51
CA THR B 457 -20.42 -5.54 32.75
C THR B 457 -19.89 -6.53 33.78
N TYR B 458 -20.26 -6.30 35.06
CA TYR B 458 -19.88 -7.16 36.17
C TYR B 458 -21.10 -7.55 36.98
N THR B 459 -21.15 -8.80 37.42
CA THR B 459 -22.15 -9.24 38.38
C THR B 459 -21.82 -8.72 39.78
N LEU B 460 -22.86 -8.62 40.62
CA LEU B 460 -22.65 -8.38 42.05
C LEU B 460 -21.57 -9.32 42.61
N ALA B 461 -21.66 -10.61 42.27
CA ALA B 461 -20.67 -11.56 42.76
C ALA B 461 -19.26 -11.13 42.39
N GLN B 462 -19.05 -10.77 41.13
CA GLN B 462 -17.73 -10.30 40.72
C GLN B 462 -17.35 -9.00 41.42
N VAL B 463 -18.31 -8.11 41.65
CA VAL B 463 -17.98 -6.84 42.28
C VAL B 463 -17.44 -7.07 43.68
N PHE B 464 -18.12 -7.91 44.45
CA PHE B 464 -17.75 -8.15 45.85
C PHE B 464 -16.37 -8.79 45.98
N ASP B 465 -15.93 -9.55 45.00
CA ASP B 465 -14.63 -10.20 45.01
C ASP B 465 -13.53 -9.37 44.39
N THR B 466 -13.76 -8.09 44.16
CA THR B 466 -12.75 -7.23 43.57
C THR B 466 -11.56 -7.05 44.50
N THR B 467 -10.36 -7.02 43.93
CA THR B 467 -9.16 -6.66 44.67
C THR B 467 -8.48 -5.48 43.97
N TYR B 468 -7.42 -4.99 44.63
CA TYR B 468 -6.56 -3.96 44.07
C TYR B 468 -5.51 -4.50 43.11
N ASP B 469 -5.47 -5.81 42.86
CA ASP B 469 -4.42 -6.37 42.02
C ASP B 469 -4.61 -5.96 40.57
N GLY B 470 -3.54 -5.47 39.96
CA GLY B 470 -3.62 -4.95 38.61
C GLY B 470 -4.24 -3.55 38.56
N PHE B 471 -4.91 -3.16 39.65
CA PHE B 471 -5.50 -1.83 39.81
C PHE B 471 -6.45 -1.51 38.66
N ASP B 472 -7.54 -2.27 38.59
CA ASP B 472 -8.62 -2.11 37.62
C ASP B 472 -9.52 -0.99 38.11
N VAL B 473 -9.21 0.25 37.69
CA VAL B 473 -9.94 1.42 38.18
C VAL B 473 -11.41 1.32 37.81
N ASP B 474 -11.71 0.73 36.65
CA ASP B 474 -13.09 0.55 36.25
C ASP B 474 -13.84 -0.34 37.24
N ARG B 475 -13.32 -1.54 37.48
CA ARG B 475 -13.96 -2.48 38.38
C ARG B 475 -14.00 -1.95 39.82
N ILE B 476 -12.91 -1.35 40.29
CA ILE B 476 -12.83 -0.90 41.68
C ILE B 476 -13.81 0.24 41.93
N TYR B 477 -13.65 1.34 41.20
CA TYR B 477 -14.38 2.56 41.54
C TYR B 477 -15.74 2.68 40.86
N ARG B 478 -15.86 2.31 39.57
CA ARG B 478 -17.14 2.48 38.89
C ARG B 478 -18.14 1.42 39.32
N TRP B 479 -17.73 0.14 39.25
CA TRP B 479 -18.65 -0.91 39.62
C TRP B 479 -18.83 -1.00 41.14
N GLY B 480 -17.80 -0.65 41.92
CA GLY B 480 -17.99 -0.49 43.35
C GLY B 480 -19.05 0.54 43.66
N TYR B 481 -19.00 1.68 42.98
CA TYR B 481 -20.03 2.71 43.12
C TYR B 481 -21.40 2.17 42.75
N LEU B 482 -21.50 1.51 41.59
CA LEU B 482 -22.81 1.05 41.13
C LEU B 482 -23.44 0.11 42.14
N ALA B 483 -22.67 -0.87 42.64
CA ALA B 483 -23.22 -1.83 43.59
C ALA B 483 -23.66 -1.12 44.87
N VAL B 484 -22.81 -0.22 45.39
CA VAL B 484 -23.14 0.49 46.62
C VAL B 484 -24.39 1.34 46.41
N ARG B 485 -24.38 2.15 45.35
CA ARG B 485 -25.55 2.96 45.07
C ARG B 485 -26.79 2.08 44.94
N PHE B 486 -26.67 0.97 44.20
CA PHE B 486 -27.82 0.08 44.00
C PHE B 486 -28.38 -0.38 45.35
N MET B 487 -27.50 -0.80 46.27
CA MET B 487 -27.99 -1.30 47.55
C MET B 487 -28.61 -0.19 48.37
N PHE B 488 -28.02 1.01 48.37
CA PHE B 488 -28.61 2.11 49.12
C PHE B 488 -29.98 2.48 48.59
N GLU B 489 -30.20 2.35 47.27
CA GLU B 489 -31.47 2.77 46.70
C GLU B 489 -32.53 1.68 46.86
N ARG B 490 -32.17 0.44 46.60
CA ARG B 490 -33.14 -0.65 46.55
C ARG B 490 -33.24 -1.47 47.84
N HIS B 491 -32.18 -1.55 48.65
CA HIS B 491 -32.19 -2.40 49.85
C HIS B 491 -31.43 -1.75 51.01
N PRO B 492 -31.81 -0.54 51.40
CA PRO B 492 -31.08 0.13 52.50
C PRO B 492 -31.16 -0.60 53.83
N ASP B 493 -32.21 -1.40 54.07
CA ASP B 493 -32.27 -2.14 55.33
C ASP B 493 -31.25 -3.26 55.34
N GLU B 494 -30.98 -3.85 54.18
CA GLU B 494 -29.88 -4.79 54.05
C GLU B 494 -28.52 -4.13 54.22
N VAL B 495 -28.36 -2.87 53.81
CA VAL B 495 -27.08 -2.21 54.01
C VAL B 495 -26.79 -2.08 55.48
N GLN B 496 -27.84 -1.83 56.28
CA GLN B 496 -27.62 -1.71 57.72
C GLN B 496 -27.34 -3.07 58.35
N ARG B 497 -27.95 -4.14 57.84
CA ARG B 497 -27.62 -5.48 58.31
C ARG B 497 -26.15 -5.81 58.04
N MET B 498 -25.68 -5.51 56.83
CA MET B 498 -24.25 -5.65 56.55
C MET B 498 -23.42 -4.81 57.50
N LEU B 499 -23.87 -3.58 57.78
CA LEU B 499 -23.03 -2.70 58.57
C LEU B 499 -23.00 -3.13 60.03
N SER B 500 -24.06 -3.78 60.55
CA SER B 500 -23.97 -4.35 61.88
C SER B 500 -22.79 -5.28 61.99
N ALA B 501 -22.54 -6.08 60.93
CA ALA B 501 -21.40 -6.99 60.96
C ALA B 501 -20.08 -6.24 60.86
N THR B 502 -19.97 -5.31 59.89
CA THR B 502 -18.69 -4.62 59.71
C THR B 502 -18.39 -3.71 60.90
N ARG B 503 -19.41 -3.15 61.52
CA ARG B 503 -19.19 -2.24 62.64
C ARG B 503 -18.67 -2.97 63.87
N GLN B 504 -18.82 -4.29 63.91
CA GLN B 504 -18.31 -5.12 65.00
C GLN B 504 -17.18 -6.02 64.55
N GLY B 505 -16.70 -5.86 63.32
CA GLY B 505 -15.58 -6.68 62.87
C GLY B 505 -15.93 -8.13 62.60
N ARG B 506 -17.20 -8.43 62.33
CA ARG B 506 -17.65 -9.81 62.09
C ARG B 506 -17.55 -10.11 60.60
N TRP B 507 -16.31 -10.32 60.14
CA TRP B 507 -16.02 -10.34 58.70
C TRP B 507 -16.64 -11.54 58.00
N ALA B 508 -16.68 -12.72 58.65
CA ALA B 508 -17.26 -13.89 58.01
C ALA B 508 -18.76 -13.72 57.82
N GLU B 509 -19.45 -13.14 58.81
CA GLU B 509 -20.87 -12.84 58.66
C GLU B 509 -21.10 -11.81 57.54
N TYR B 510 -20.33 -10.71 57.57
CA TYR B 510 -20.41 -9.72 56.50
C TYR B 510 -20.27 -10.39 55.14
N LYS B 511 -19.29 -11.29 55.00
CA LYS B 511 -19.07 -11.95 53.72
C LYS B 511 -20.23 -12.87 53.36
N ALA B 512 -20.79 -13.57 54.36
CA ALA B 512 -21.96 -14.39 54.11
C ALA B 512 -23.17 -13.53 53.74
N ILE B 513 -23.30 -12.37 54.36
CA ILE B 513 -24.42 -11.49 54.07
C ILE B 513 -24.38 -11.03 52.61
N ILE B 514 -23.24 -10.50 52.17
CA ILE B 514 -23.21 -9.99 50.80
C ILE B 514 -23.13 -11.12 49.79
N SER B 515 -22.67 -12.31 50.19
CA SER B 515 -22.73 -13.43 49.26
C SER B 515 -24.16 -13.85 48.99
N GLY B 516 -25.04 -13.73 49.99
CA GLY B 516 -26.46 -13.87 49.74
C GLY B 516 -26.98 -12.87 48.73
N TRP B 517 -26.58 -11.60 48.87
CA TRP B 517 -26.97 -10.56 47.90
C TRP B 517 -26.58 -10.95 46.48
N ALA B 518 -25.36 -11.45 46.30
CA ALA B 518 -24.89 -11.77 44.95
C ALA B 518 -25.70 -12.89 44.31
N ASN B 519 -26.36 -13.73 45.10
CA ASN B 519 -27.26 -14.76 44.57
C ASN B 519 -28.70 -14.27 44.49
N GLN B 520 -29.13 -13.45 45.43
CA GLN B 520 -30.52 -13.00 45.47
C GLN B 520 -30.79 -11.87 44.46
N TYR B 521 -29.93 -10.83 44.44
CA TYR B 521 -30.27 -9.54 43.81
C TYR B 521 -29.64 -9.32 42.43
N GLN B 522 -28.96 -10.31 41.86
CA GLN B 522 -28.25 -10.10 40.60
C GLN B 522 -29.17 -9.62 39.49
N SER B 523 -30.27 -10.33 39.24
CA SER B 523 -31.17 -9.92 38.16
C SER B 523 -31.74 -8.54 38.41
N GLU B 524 -32.08 -8.23 39.67
CA GLU B 524 -32.56 -6.88 39.97
C GLU B 524 -31.46 -5.85 39.70
N PHE B 525 -30.22 -6.19 40.05
CA PHE B 525 -29.10 -5.29 39.79
C PHE B 525 -28.86 -5.13 38.29
N ALA B 526 -29.07 -6.21 37.52
CA ALA B 526 -28.88 -6.14 36.08
C ALA B 526 -29.91 -5.22 35.43
N GLN B 527 -31.19 -5.40 35.76
CA GLN B 527 -32.22 -4.52 35.21
C GLN B 527 -32.04 -3.08 35.70
N TRP B 528 -31.57 -2.91 36.94
CA TRP B 528 -31.37 -1.56 37.46
C TRP B 528 -30.27 -0.83 36.68
N THR B 529 -29.14 -1.50 36.41
CA THR B 529 -28.08 -0.83 35.67
C THR B 529 -28.49 -0.54 34.24
N GLU B 530 -29.33 -1.39 33.65
CA GLU B 530 -29.81 -1.14 32.29
C GLU B 530 -30.78 0.03 32.26
N ALA B 531 -31.72 0.08 33.21
CA ALA B 531 -32.59 1.24 33.34
C ALA B 531 -31.79 2.52 33.63
N LEU B 532 -30.65 2.38 34.28
CA LEU B 532 -29.78 3.53 34.52
C LEU B 532 -29.09 3.96 33.22
N ALA B 533 -28.63 3.00 32.42
CA ALA B 533 -27.94 3.32 31.17
C ALA B 533 -28.89 3.83 30.08
N LYS B 534 -30.20 3.63 30.21
CA LYS B 534 -31.12 4.18 29.21
C LYS B 534 -31.27 5.69 29.37
N GLY B 535 -31.69 6.16 30.53
CA GLY B 535 -31.85 7.58 30.78
C GLY B 535 -32.90 7.92 31.82
ZN ZN C . -15.44 -11.51 -44.56
CA CA D . -21.22 -9.22 -57.53
CA CA E . 0.89 -26.39 -44.18
CA CA F . -21.38 -7.36 -26.68
CA CA G . -5.00 16.24 -25.58
C1 PGE H . -11.25 -4.91 -51.86
O1 PGE H . -9.90 -4.62 -52.24
C2 PGE H . -11.35 -4.90 -50.35
O2 PGE H . -12.07 -6.04 -49.90
C3 PGE H . -12.55 -5.91 -48.58
C4 PGE H . -13.59 -6.97 -48.25
O4 PGE H . -12.63 -10.17 -48.28
C6 PGE H . -13.95 -9.65 -48.33
C5 PGE H . -14.18 -8.90 -49.63
O3 PGE H . -14.15 -7.47 -49.46
C1 PEG I . 4.06 9.33 -32.61
C1 PEG I . 4.49 10.91 -31.00
O1 PEG I . 4.06 7.92 -32.43
O1 PEG I . 5.14 12.13 -31.31
C2 PEG I . 4.38 10.04 -31.33
C2 PEG I . 3.24 11.12 -30.21
O2 PEG I . 3.21 10.13 -30.53
O2 PEG I . 2.66 9.86 -29.89
C3 PEG I . 3.13 9.12 -29.54
C3 PEG I . 1.83 9.89 -28.73
C4 PEG I . 2.14 9.51 -28.48
C4 PEG I . 1.45 8.49 -28.35
O4 PEG I . 1.10 8.55 -28.36
O4 PEG I . 0.64 7.88 -29.35
C1 PEG J . -12.47 -6.52 -54.89
O1 PEG J . -11.74 -7.26 -55.85
C2 PEG J . -12.99 -7.37 -53.76
O2 PEG J . -14.10 -8.16 -54.18
C3 PEG J . -14.86 -8.68 -53.10
C4 PEG J . -16.27 -8.94 -53.51
O4 PEG J . -17.14 -9.09 -52.42
C1 EDO K . -0.42 -0.46 -22.12
O1 EDO K . 0.77 -1.15 -22.56
C2 EDO K . -1.47 -0.37 -23.23
O2 EDO K . -1.04 0.56 -24.25
C1 EDO L . 9.03 -14.53 -21.10
O1 EDO L . 9.64 -15.01 -22.31
C2 EDO L . 8.98 -13.00 -21.09
O2 EDO L . 8.03 -12.52 -22.06
C1 EDO M . 3.32 18.41 -3.28
O1 EDO M . 2.26 17.97 -4.15
C2 EDO M . 3.57 17.36 -2.21
O2 EDO M . 3.85 16.11 -2.84
C1 EDO N . -19.87 -28.41 -60.32
O1 EDO N . -20.70 -27.44 -59.66
C2 EDO N . -18.90 -27.71 -61.28
O2 EDO N . -17.54 -27.89 -60.86
C1 EDO O . -19.05 -23.94 -65.74
C1 EDO O . -20.40 -23.24 -65.03
O1 EDO O . -18.08 -22.95 -66.11
O1 EDO O . -20.52 -22.85 -63.66
C2 EDO O . -18.33 -25.26 -65.47
C2 EDO O . -19.07 -23.95 -65.27
O2 EDO O . -17.27 -25.41 -66.42
O2 EDO O . -18.17 -23.08 -65.99
C1 EDO P . 11.55 -8.08 -9.88
O1 EDO P . 12.33 -6.91 -10.15
C2 EDO P . 10.11 -7.64 -9.66
O2 EDO P . 9.70 -6.82 -10.77
C1 EDO Q . 25.09 -15.93 -24.68
O1 EDO Q . 24.25 -14.92 -24.09
C2 EDO Q . 24.82 -16.25 -26.15
O2 EDO Q . 25.38 -15.26 -27.03
C1 EDO R . 14.04 -3.26 -8.20
C1 EDO R . 14.11 -3.46 -7.09
O1 EDO R . 14.15 -3.82 -9.51
O1 EDO R . 14.56 -2.32 -7.84
C2 EDO R . 15.19 -3.72 -7.34
C2 EDO R . 14.99 -4.64 -7.44
O2 EDO R . 16.44 -3.38 -7.97
O2 EDO R . 16.19 -4.14 -8.05
C1 EDO S . 21.64 -11.92 -32.84
O1 EDO S . 20.78 -10.77 -33.02
C2 EDO S . 22.99 -11.67 -33.51
O2 EDO S . 23.18 -10.24 -33.63
ZN ZN T . -10.14 5.38 47.53
CA CA U . -11.83 1.36 61.38
CA CA V . -1.92 25.81 44.85
CA CA W . -18.04 -1.47 30.99
CA CA X . 7.48 -16.02 25.06
C1 PGE Y . -17.19 -13.31 62.67
C1 PGE Y . -17.21 -13.34 62.53
O1 PGE Y . -17.84 -13.29 61.40
O1 PGE Y . -17.91 -13.20 61.30
C2 PGE Y . -15.72 -13.71 62.51
C2 PGE Y . -15.76 -13.69 62.28
O2 PGE Y . -14.89 -12.56 62.39
O2 PGE Y . -14.95 -12.51 62.27
C3 PGE Y . -13.83 -12.74 61.45
C3 PGE Y . -13.89 -12.58 61.33
C4 PGE Y . -12.52 -13.04 62.16
C4 PGE Y . -12.57 -12.79 62.05
O4 PGE Y . -11.63 -8.84 63.07
O4 PGE Y . -9.26 -9.47 62.04
C6 PGE Y . -10.72 -9.83 62.55
C6 PGE Y . -10.58 -9.86 62.41
C5 PGE Y . -11.11 -11.25 62.98
C5 PGE Y . -10.70 -11.37 62.55
O3 PGE Y . -11.55 -12.04 61.87
O3 PGE Y . -11.59 -11.87 61.57
OH2 1PE Z . 19.30 -15.11 36.28
C12 1PE Z . 19.18 -16.53 36.16
C22 1PE Z . 20.43 -17.26 36.63
OH3 1PE Z . 21.46 -17.18 35.65
C13 1PE Z . 22.15 -17.48 33.37
C23 1PE Z . 21.06 -17.65 34.37
OH4 1PE Z . 21.78 -16.44 32.47
C14 1PE Z . 21.88 -15.50 30.29
C24 1PE Z . 22.14 -16.71 31.13
OH5 1PE Z . 22.72 -14.42 30.72
C15 1PE Z . 22.40 -13.09 28.75
C25 1PE Z . 23.39 -13.77 29.65
OH6 1PE Z . 22.25 -11.73 29.12
C16 1PE Z . 20.43 -11.11 27.68
C26 1PE Z . 21.88 -10.90 28.03
OH7 1PE Z . 19.55 -10.55 28.66
C1 PEG AA . 16.61 -7.76 30.10
O1 PEG AA . 17.63 -8.75 29.98
C2 PEG AA . 15.72 -7.71 28.88
O2 PEG AA . 14.99 -6.49 28.85
C3 PEG AA . 13.61 -6.65 28.54
C4 PEG AA . 12.88 -5.38 28.88
O4 PEG AA . 13.33 -4.81 30.11
C1 PEG BA . -34.58 -9.54 52.51
O1 PEG BA . -35.55 -10.45 53.01
C2 PEG BA . -34.84 -8.12 52.93
O2 PEG BA . -34.63 -7.23 51.83
C3 PEG BA . -35.21 -5.93 52.02
C4 PEG BA . -34.56 -5.25 53.18
O4 PEG BA . -33.95 -4.03 52.79
C1 EDO CA . 9.13 13.64 7.86
O1 EDO CA . 10.00 14.57 8.50
C2 EDO CA . 9.03 12.38 8.71
O2 EDO CA . 8.08 11.48 8.14
C1 EDO DA . 10.33 22.72 43.22
O1 EDO DA . 10.66 22.46 41.85
C2 EDO DA . 9.06 23.57 43.32
O2 EDO DA . 8.44 23.34 44.59
C1 EDO EA . -8.99 7.26 43.05
C1 EDO EA . -7.26 7.11 42.38
O1 EDO EA . -7.67 6.69 43.00
O1 EDO EA . -6.35 6.60 41.41
C2 EDO EA . -9.65 7.15 41.68
C2 EDO EA . -8.35 7.97 41.72
O2 EDO EA . -11.07 7.34 41.80
O2 EDO EA . -7.85 9.28 41.36
C1 EDO FA . -3.46 2.16 56.97
O1 EDO FA . -2.94 3.04 58.00
C2 EDO FA . -4.15 2.92 55.81
O2 EDO FA . -5.43 3.52 56.12
C1 EDO GA . -18.57 12.61 65.51
C1 EDO GA . -19.10 11.97 66.43
O1 EDO GA . -19.73 12.74 64.66
O1 EDO GA . -20.33 11.49 66.98
C2 EDO GA . -18.74 11.41 66.46
C2 EDO GA . -17.91 11.38 67.19
O2 EDO GA . -17.63 11.33 67.37
O2 EDO GA . -18.23 11.13 68.57
C1 EDO HA . -0.61 4.31 73.17
O1 EDO HA . -0.46 5.74 73.02
C2 EDO HA . -1.68 4.01 74.23
O2 EDO HA . -2.98 3.98 73.64
C1 EDO IA . 0.25 21.05 62.86
O1 EDO IA . -1.07 21.62 62.82
C2 EDO IA . 0.16 19.64 62.26
O2 EDO IA . 1.46 19.04 62.18
C1 EDO JA . 31.41 -11.50 37.98
O1 EDO JA . 31.89 -12.64 38.70
C2 EDO JA . 29.90 -11.40 38.18
O2 EDO JA . 29.22 -12.37 37.36
C1 EDO KA . 13.88 7.68 4.64
C1 EDO KA . 12.62 9.80 5.44
O1 EDO KA . 13.08 6.50 4.76
O1 EDO KA . 11.90 10.42 4.38
C2 EDO KA . 13.03 8.92 4.90
C2 EDO KA . 14.11 9.86 5.13
O2 EDO KA . 13.89 10.07 5.02
O2 EDO KA . 14.51 11.23 4.99
C1 EDO LA . 20.85 21.34 28.67
O1 EDO LA . 20.51 19.96 28.76
C2 EDO LA . 19.86 22.23 29.44
O2 EDO LA . 18.60 22.47 28.77
C1 EDO MA . 14.55 27.95 31.92
O1 EDO MA . 14.56 26.92 30.93
C2 EDO MA . 15.94 28.09 32.56
O2 EDO MA . 16.33 26.86 33.22
C1 EDO NA . -2.99 1.53 51.64
C1 EDO NA . -3.81 2.36 52.22
O1 EDO NA . -2.48 1.17 52.94
O1 EDO NA . -3.31 1.34 53.11
C2 EDO NA . -4.46 1.93 51.66
C2 EDO NA . -5.31 2.54 52.41
O2 EDO NA . -5.09 1.85 50.37
O2 EDO NA . -5.71 3.84 51.94
C1 EDO OA . 4.95 0.60 22.60
O1 EDO OA . 4.44 0.34 23.91
C2 EDO OA . 4.48 1.96 22.08
O2 EDO OA . 5.41 3.00 22.48
C1 EDO PA . 32.23 16.14 29.44
O1 EDO PA . 33.53 15.52 29.34
C2 EDO PA . 31.78 16.77 28.12
O2 EDO PA . 30.41 17.22 28.21
C1 EDO QA . -15.57 15.07 69.37
C1 EDO QA . -14.40 15.77 70.00
O1 EDO QA . -15.90 14.44 68.13
O1 EDO QA . -13.01 15.40 70.05
C2 EDO QA . -14.20 15.72 69.30
C2 EDO QA . -14.58 17.02 69.15
O2 EDO QA . -13.20 14.92 69.94
O2 EDO QA . -13.57 17.97 69.51
#